data_5GXZ
#
_entry.id   5GXZ
#
_cell.length_a   108.045
_cell.length_b   108.668
_cell.length_c   139.625
_cell.angle_alpha   90.00
_cell.angle_beta   90.00
_cell.angle_gamma   90.00
#
_symmetry.space_group_name_H-M   'P 21 21 21'
#
loop_
_entity.id
_entity.type
_entity.pdbx_description
1 polymer Glucanase
2 branched beta-D-glucopyranose-(1-4)-beta-D-glucopyranose-(1-4)-beta-D-glucopyranose
3 branched beta-D-glucopyranose-(1-4)-beta-D-glucopyranose
4 non-polymer 'CALCIUM ION'
5 non-polymer 'CHLORIDE ION'
6 non-polymer 'BROMIDE ION'
7 non-polymer 2-(2-(2-(2-(2-(2-ETHOXYETHOXY)ETHOXY)ETHOXY)ETHOXY)ETHOXY)ETHANOL
8 water water
#
_entity_poly.entity_id   1
_entity_poly.type   'polypeptide(L)'
_entity_poly.pdbx_seq_one_letter_code
;MAGSYNYAEALQKAIYFYECQQAGPLPEWNRVEWRGDATMNDEVLGGWYDAGDHVKFNLPMAYSAAMLGWALYEYGDDIE
ASGQRLHLERNLAFALDYLVACDRGDSVVYQIGDGAADHKWWGSAEVIEKEMTRPYFVGKGSAVVGQMAAALAVGSIVLK
NDTYLRYAKKYFELADATRSDSTYTAANGFYSSHSGFWDELLWASTWLYLATGDRNYLDKAESYTPKLNRQNQTTDIEYQ
WAHCWDDCHYGAMILLARATGKEEYHKFAQMHLDWWTPQGYNGKRVAYTPGGLAHLDTWGPLRYATTEAFLAFVYADSIN
DPALKQKYYNFAKSQIDYALGSNPDNRSYVVGFGNNPPQRPHHRTAHGTWLDKRDIPEKHRHVLYGALVGGPGRDDSYED
NIEDYVKNEVACDYNAGFVGALCRLTAEYGGTPLANFPPPEQRDDEFFVEAAINQASDHFTEIKALLNNRSSWPARLIKD
LSYNYYMDLTEVFEAGYSVDDIKVTIGYCESGMDVEISPITHLYDNIYYIKISYIDGTNICPIGQEQYAAELQFRIAAPQ
GTKFWDPTNDFSYQGLTRELAKTKYMPVFDGATKIFGEVPGGLEHHHHHH
;
_entity_poly.pdbx_strand_id   A,B
#
# COMPACT_ATOMS: atom_id res chain seq x y z
N SER A 4 -13.51 35.41 -45.95
CA SER A 4 -12.61 34.22 -46.00
C SER A 4 -13.17 33.06 -45.17
N TYR A 5 -13.73 33.41 -44.03
CA TYR A 5 -14.23 32.46 -43.03
C TYR A 5 -15.58 32.97 -42.56
N ASN A 6 -16.39 32.11 -41.98
CA ASN A 6 -17.62 32.57 -41.35
C ASN A 6 -17.24 33.23 -40.03
N TYR A 7 -16.93 34.53 -40.08
CA TYR A 7 -16.45 35.25 -38.90
C TYR A 7 -17.48 35.40 -37.78
N ALA A 8 -18.75 35.53 -38.12
CA ALA A 8 -19.84 35.55 -37.13
C ALA A 8 -19.91 34.27 -36.30
N GLU A 9 -19.78 33.12 -36.95
CA GLU A 9 -19.67 31.84 -36.24
C GLU A 9 -18.44 31.74 -35.35
N ALA A 10 -17.29 32.18 -35.84
CA ALA A 10 -16.06 32.22 -35.02
C ALA A 10 -16.26 33.12 -33.80
N LEU A 11 -16.88 34.28 -34.02
CA LEU A 11 -17.20 35.20 -32.93
C LEU A 11 -18.18 34.56 -31.94
N GLN A 12 -19.26 33.99 -32.46
CA GLN A 12 -20.23 33.26 -31.64
C GLN A 12 -19.53 32.28 -30.70
N LYS A 13 -18.63 31.48 -31.26
CA LYS A 13 -17.94 30.45 -30.50
C LYS A 13 -16.92 31.04 -29.54
N ALA A 14 -16.15 32.03 -29.99
CA ALA A 14 -15.15 32.68 -29.16
C ALA A 14 -15.70 33.26 -27.86
N ILE A 15 -16.93 33.76 -27.93
CA ILE A 15 -17.62 34.28 -26.74
C ILE A 15 -18.08 33.14 -25.83
N TYR A 16 -18.58 32.07 -26.43
CA TYR A 16 -19.13 30.95 -25.69
C TYR A 16 -18.03 30.33 -24.84
N PHE A 17 -16.80 30.42 -25.33
CA PHE A 17 -15.65 30.05 -24.52
C PHE A 17 -15.70 30.64 -23.11
N TYR A 18 -16.01 31.93 -22.96
CA TYR A 18 -16.02 32.45 -21.60
C TYR A 18 -17.03 31.78 -20.66
N GLU A 19 -18.11 31.25 -21.22
CA GLU A 19 -19.12 30.55 -20.43
C GLU A 19 -18.62 29.21 -19.88
N CYS A 20 -17.73 28.59 -20.65
CA CYS A 20 -17.01 27.40 -20.17
C CYS A 20 -16.09 27.71 -18.98
N GLN A 21 -15.66 28.98 -18.86
CA GLN A 21 -14.68 29.41 -17.86
C GLN A 21 -15.29 29.88 -16.56
N GLN A 22 -16.61 30.02 -16.51
CA GLN A 22 -17.28 30.72 -15.42
C GLN A 22 -17.20 29.93 -14.12
N ALA A 23 -16.88 30.59 -13.02
CA ALA A 23 -16.96 29.93 -11.71
C ALA A 23 -18.38 30.09 -11.16
N GLY A 24 -18.70 29.28 -10.15
CA GLY A 24 -20.04 29.29 -9.56
C GLY A 24 -20.22 30.53 -8.71
N PRO A 25 -21.48 30.98 -8.52
CA PRO A 25 -22.66 30.33 -9.11
C PRO A 25 -22.80 30.76 -10.58
N LEU A 26 -23.22 29.84 -11.43
CA LEU A 26 -23.28 30.15 -12.86
C LEU A 26 -24.55 30.93 -13.11
N PRO A 27 -24.53 31.89 -14.05
CA PRO A 27 -25.76 32.59 -14.35
C PRO A 27 -26.77 31.65 -15.02
N GLU A 28 -28.07 31.95 -14.87
CA GLU A 28 -29.18 31.23 -15.50
C GLU A 28 -28.98 31.00 -17.01
N TRP A 29 -28.32 31.96 -17.66
CA TRP A 29 -28.15 31.94 -19.11
C TRP A 29 -26.94 31.16 -19.62
N ASN A 30 -26.17 30.57 -18.70
CA ASN A 30 -25.02 29.77 -19.07
C ASN A 30 -25.47 28.64 -20.01
N ARG A 31 -24.81 28.52 -21.16
CA ARG A 31 -25.25 27.60 -22.20
C ARG A 31 -24.44 26.31 -22.27
N VAL A 32 -23.60 26.08 -21.26
CA VAL A 32 -22.69 24.93 -21.28
C VAL A 32 -23.23 23.76 -20.45
N GLU A 33 -23.72 22.72 -21.11
CA GLU A 33 -24.37 21.59 -20.43
C GLU A 33 -23.45 20.85 -19.48
N TRP A 34 -22.15 20.95 -19.74
CA TRP A 34 -21.20 20.23 -18.91
C TRP A 34 -20.56 21.09 -17.84
N ARG A 35 -21.10 22.27 -17.56
CA ARG A 35 -20.61 23.11 -16.48
C ARG A 35 -21.72 23.31 -15.45
N GLY A 36 -21.42 23.09 -14.17
CA GLY A 36 -22.35 23.45 -13.11
C GLY A 36 -21.68 24.43 -12.15
N ASP A 37 -22.38 24.81 -11.08
CA ASP A 37 -21.81 25.67 -10.04
C ASP A 37 -20.57 24.98 -9.48
N ALA A 38 -19.47 25.71 -9.42
CA ALA A 38 -18.21 25.13 -8.99
C ALA A 38 -17.54 26.10 -8.05
N THR A 39 -16.60 25.56 -7.29
CA THR A 39 -15.84 26.31 -6.29
C THR A 39 -16.72 27.27 -5.48
N MET A 40 -17.88 26.77 -5.05
CA MET A 40 -18.82 27.60 -4.29
C MET A 40 -18.30 28.07 -2.92
N ASN A 41 -17.20 27.49 -2.43
CA ASN A 41 -16.63 27.96 -1.15
C ASN A 41 -15.58 29.06 -1.31
N ASP A 42 -15.37 29.56 -2.53
CA ASP A 42 -14.39 30.60 -2.77
C ASP A 42 -14.71 31.87 -1.98
N GLU A 43 -13.69 32.58 -1.51
CA GLU A 43 -13.88 33.86 -0.83
C GLU A 43 -14.70 34.87 -1.65
N VAL A 44 -14.49 34.91 -2.97
CA VAL A 44 -15.23 35.77 -3.89
C VAL A 44 -15.76 34.85 -4.99
N LEU A 45 -17.08 34.91 -5.22
CA LEU A 45 -17.74 34.02 -6.17
C LEU A 45 -17.74 34.63 -7.58
N GLY A 46 -18.10 33.82 -8.56
CA GLY A 46 -18.12 34.24 -9.97
C GLY A 46 -16.75 34.44 -10.57
N GLY A 47 -16.66 35.26 -11.63
CA GLY A 47 -15.38 35.42 -12.35
C GLY A 47 -15.05 34.21 -13.20
N TRP A 48 -13.86 34.22 -13.82
CA TRP A 48 -13.47 33.13 -14.73
C TRP A 48 -12.28 32.40 -14.15
N TYR A 49 -12.29 31.08 -14.34
CA TYR A 49 -11.07 30.31 -14.20
C TYR A 49 -10.18 30.73 -15.35
N ASP A 50 -8.90 30.85 -15.04
CA ASP A 50 -8.01 31.54 -15.93
C ASP A 50 -7.80 30.82 -17.25
N ALA A 51 -7.46 29.53 -17.16
CA ALA A 51 -6.94 28.83 -18.34
C ALA A 51 -7.53 27.43 -18.39
N GLY A 52 -6.66 26.43 -18.51
CA GLY A 52 -7.13 25.04 -18.42
C GLY A 52 -7.20 24.59 -16.97
N ASP A 53 -7.02 25.54 -16.06
CA ASP A 53 -6.96 25.32 -14.62
C ASP A 53 -8.15 25.93 -13.84
N HIS A 54 -8.02 26.11 -12.53
CA HIS A 54 -9.14 26.62 -11.77
C HIS A 54 -8.74 27.73 -10.79
N VAL A 55 -7.63 28.39 -11.11
CA VAL A 55 -7.24 29.55 -10.34
C VAL A 55 -7.98 30.74 -10.94
N LYS A 56 -8.37 31.68 -10.09
CA LYS A 56 -8.80 33.01 -10.49
C LYS A 56 -7.62 33.95 -10.31
N PHE A 57 -7.05 34.38 -11.45
CA PHE A 57 -5.88 35.23 -11.50
C PHE A 57 -6.35 36.60 -11.97
N ASN A 58 -6.46 37.55 -11.06
CA ASN A 58 -7.07 38.84 -11.38
C ASN A 58 -6.40 39.68 -12.46
N LEU A 59 -5.08 39.59 -12.62
CA LEU A 59 -4.44 40.37 -13.66
C LEU A 59 -4.90 39.97 -15.07
N PRO A 60 -4.71 38.69 -15.48
CA PRO A 60 -5.25 38.35 -16.81
C PRO A 60 -6.76 38.36 -16.86
N MET A 61 -7.44 38.04 -15.76
CA MET A 61 -8.90 38.06 -15.78
C MET A 61 -9.44 39.44 -16.13
N ALA A 62 -8.90 40.44 -15.43
CA ALA A 62 -9.34 41.81 -15.65
C ALA A 62 -8.87 42.32 -17.01
N TYR A 63 -7.68 41.91 -17.42
CA TYR A 63 -7.17 42.32 -18.72
C TYR A 63 -8.13 41.79 -19.79
N SER A 64 -8.55 40.54 -19.62
CA SER A 64 -9.46 39.94 -20.57
C SER A 64 -10.77 40.71 -20.57
N ALA A 65 -11.30 41.04 -19.39
CA ALA A 65 -12.50 41.86 -19.29
C ALA A 65 -12.32 43.21 -19.98
N ALA A 66 -11.19 43.89 -19.74
CA ALA A 66 -10.98 45.21 -20.35
C ALA A 66 -10.98 45.10 -21.87
N MET A 67 -10.40 44.02 -22.37
CA MET A 67 -10.33 43.81 -23.83
C MET A 67 -11.72 43.52 -24.41
N LEU A 68 -12.52 42.70 -23.74
CA LEU A 68 -13.89 42.45 -24.17
C LEU A 68 -14.72 43.74 -24.16
N GLY A 69 -14.49 44.57 -23.14
CA GLY A 69 -15.07 45.90 -23.07
C GLY A 69 -14.63 46.78 -24.23
N TRP A 70 -13.34 46.76 -24.55
CA TRP A 70 -12.81 47.51 -25.70
C TRP A 70 -13.48 47.08 -27.01
N ALA A 71 -13.63 45.78 -27.23
CA ALA A 71 -14.30 45.25 -28.42
C ALA A 71 -15.68 45.88 -28.64
N LEU A 72 -16.50 45.87 -27.58
CA LEU A 72 -17.80 46.55 -27.55
C LEU A 72 -17.72 48.04 -27.78
N TYR A 73 -16.69 48.68 -27.23
CA TYR A 73 -16.50 50.11 -27.35
C TYR A 73 -16.25 50.51 -28.80
N GLU A 74 -15.46 49.72 -29.52
CA GLU A 74 -15.18 50.00 -30.93
C GLU A 74 -16.28 49.53 -31.86
N TYR A 75 -16.78 48.31 -31.67
CA TYR A 75 -17.54 47.62 -32.70
C TYR A 75 -18.89 47.09 -32.23
N GLY A 76 -19.30 47.51 -31.04
CA GLY A 76 -20.58 47.08 -30.47
C GLY A 76 -21.81 47.24 -31.36
N ASP A 77 -22.01 48.43 -31.90
CA ASP A 77 -23.13 48.68 -32.82
C ASP A 77 -22.97 47.91 -34.13
N ASP A 78 -21.72 47.66 -34.53
CA ASP A 78 -21.43 47.02 -35.81
C ASP A 78 -21.65 45.51 -35.82
N ILE A 79 -21.82 44.88 -34.66
CA ILE A 79 -21.97 43.44 -34.60
C ILE A 79 -23.39 42.98 -34.31
N GLU A 80 -24.35 43.92 -34.28
CA GLU A 80 -25.73 43.54 -33.99
C GLU A 80 -26.30 42.52 -34.98
N ALA A 81 -25.88 42.61 -36.24
CA ALA A 81 -26.22 41.63 -37.28
C ALA A 81 -25.79 40.19 -36.99
N SER A 82 -24.67 40.04 -36.30
CA SER A 82 -24.12 38.74 -35.92
C SER A 82 -24.98 38.01 -34.89
N GLY A 83 -25.80 38.79 -34.17
CA GLY A 83 -26.62 38.29 -33.08
C GLY A 83 -25.83 38.09 -31.78
N GLN A 84 -24.58 38.52 -31.76
CA GLN A 84 -23.69 38.20 -30.65
C GLN A 84 -23.51 39.32 -29.61
N ARG A 85 -24.07 40.51 -29.85
CA ARG A 85 -23.84 41.63 -28.94
C ARG A 85 -24.29 41.36 -27.50
N LEU A 86 -25.46 40.77 -27.33
CA LEU A 86 -26.00 40.52 -26.00
C LEU A 86 -25.16 39.46 -25.29
N HIS A 87 -24.77 38.43 -26.05
CA HIS A 87 -23.94 37.36 -25.54
C HIS A 87 -22.63 37.94 -25.02
N LEU A 88 -21.99 38.77 -25.82
CA LEU A 88 -20.74 39.43 -25.40
C LEU A 88 -20.96 40.29 -24.15
N GLU A 89 -22.02 41.07 -24.13
CA GLU A 89 -22.25 42.02 -23.03
C GLU A 89 -22.44 41.38 -21.65
N ARG A 90 -23.28 40.35 -21.55
CA ARG A 90 -23.57 39.73 -20.25
C ARG A 90 -22.38 38.87 -19.79
N ASN A 91 -21.65 38.29 -20.73
CA ASN A 91 -20.40 37.61 -20.42
C ASN A 91 -19.38 38.53 -19.79
N LEU A 92 -19.26 39.75 -20.32
CA LEU A 92 -18.40 40.77 -19.76
C LEU A 92 -18.91 41.17 -18.38
N ALA A 93 -20.22 41.43 -18.27
CA ALA A 93 -20.82 41.75 -16.98
C ALA A 93 -20.53 40.70 -15.90
N PHE A 94 -20.54 39.43 -16.29
CA PHE A 94 -20.19 38.39 -15.33
C PHE A 94 -18.83 38.62 -14.67
N ALA A 95 -17.81 38.92 -15.46
CA ALA A 95 -16.46 39.12 -14.93
C ALA A 95 -16.34 40.43 -14.13
N LEU A 96 -16.98 41.49 -14.61
CA LEU A 96 -16.91 42.79 -13.93
C LEU A 96 -17.54 42.72 -12.52
N ASP A 97 -18.62 41.94 -12.41
CA ASP A 97 -19.29 41.72 -11.14
C ASP A 97 -18.34 41.10 -10.11
N TYR A 98 -17.53 40.16 -10.59
CA TYR A 98 -16.49 39.54 -9.78
C TYR A 98 -15.47 40.57 -9.28
N LEU A 99 -15.04 41.48 -10.17
CA LEU A 99 -14.05 42.48 -9.82
C LEU A 99 -14.53 43.46 -8.75
N VAL A 100 -15.82 43.82 -8.85
CA VAL A 100 -16.47 44.63 -7.83
C VAL A 100 -16.51 43.86 -6.51
N ALA A 101 -16.92 42.60 -6.58
CA ALA A 101 -16.97 41.74 -5.40
C ALA A 101 -15.60 41.53 -4.72
N CYS A 102 -14.51 41.83 -5.42
CA CYS A 102 -13.17 41.71 -4.84
C CYS A 102 -12.78 42.88 -3.92
N ASP A 103 -13.59 43.93 -3.88
CA ASP A 103 -13.27 45.12 -3.07
C ASP A 103 -13.10 44.81 -1.58
N ARG A 104 -12.01 45.32 -1.00
CA ARG A 104 -11.75 45.23 0.44
C ARG A 104 -11.41 46.61 1.05
N GLY A 105 -11.55 47.68 0.27
CA GLY A 105 -11.47 49.04 0.80
C GLY A 105 -10.11 49.67 0.57
N ASP A 106 -9.11 49.27 1.36
CA ASP A 106 -7.74 49.73 1.17
C ASP A 106 -6.89 48.70 0.44
N SER A 107 -7.55 47.67 -0.11
CA SER A 107 -6.89 46.55 -0.75
C SER A 107 -7.96 45.80 -1.50
N VAL A 108 -7.58 44.78 -2.27
CA VAL A 108 -8.54 43.92 -2.97
C VAL A 108 -8.18 42.44 -2.79
N VAL A 109 -9.16 41.55 -2.88
CA VAL A 109 -8.84 40.15 -3.18
C VAL A 109 -8.29 40.16 -4.60
N TYR A 110 -7.07 39.66 -4.82
CA TYR A 110 -6.48 39.61 -6.17
C TYR A 110 -6.21 38.22 -6.75
N GLN A 111 -6.62 37.17 -6.04
CA GLN A 111 -6.44 35.80 -6.49
C GLN A 111 -7.22 34.82 -5.63
N ILE A 112 -7.76 33.77 -6.27
CA ILE A 112 -8.42 32.67 -5.57
C ILE A 112 -7.84 31.37 -6.14
N GLY A 113 -7.38 30.50 -5.25
CA GLY A 113 -6.64 29.31 -5.65
C GLY A 113 -5.15 29.61 -5.58
N ASP A 114 -4.36 28.58 -5.29
CA ASP A 114 -2.89 28.56 -5.27
C ASP A 114 -2.51 27.83 -6.54
N GLY A 115 -1.69 28.46 -7.38
CA GLY A 115 -1.40 27.94 -8.72
C GLY A 115 -0.73 26.59 -8.66
N ALA A 116 0.25 26.49 -7.78
CA ALA A 116 0.99 25.24 -7.59
C ALA A 116 0.05 24.11 -7.15
N ALA A 117 -0.77 24.40 -6.16
CA ALA A 117 -1.69 23.42 -5.62
C ALA A 117 -2.77 23.05 -6.65
N ASP A 118 -3.31 24.03 -7.34
CA ASP A 118 -4.37 23.81 -8.32
C ASP A 118 -3.83 22.97 -9.49
N HIS A 119 -2.67 23.34 -10.01
CA HIS A 119 -2.14 22.66 -11.20
C HIS A 119 -1.65 21.24 -10.97
N LYS A 120 -1.35 20.86 -9.73
CA LYS A 120 -0.94 19.49 -9.41
C LYS A 120 -2.04 18.46 -9.68
N TRP A 121 -3.27 18.93 -9.73
CA TRP A 121 -4.41 18.06 -9.86
C TRP A 121 -5.11 18.23 -11.21
N TRP A 122 -5.63 17.13 -11.73
CA TRP A 122 -6.29 17.07 -13.03
C TRP A 122 -7.68 16.48 -12.85
N GLY A 123 -8.69 17.32 -12.96
CA GLY A 123 -10.07 16.92 -12.78
C GLY A 123 -10.95 18.15 -13.03
N SER A 124 -12.26 17.94 -12.95
CA SER A 124 -13.28 18.93 -13.27
C SER A 124 -13.55 19.94 -12.17
N ALA A 125 -13.91 21.16 -12.58
CA ALA A 125 -14.25 22.24 -11.67
C ALA A 125 -15.16 21.85 -10.51
N GLU A 126 -16.22 21.10 -10.79
CA GLU A 126 -17.31 20.97 -9.84
C GLU A 126 -16.96 20.02 -8.69
N VAL A 127 -15.87 19.27 -8.82
CA VAL A 127 -15.45 18.32 -7.78
C VAL A 127 -14.14 18.67 -7.08
N ILE A 128 -13.57 19.83 -7.37
CA ILE A 128 -12.25 20.23 -6.85
C ILE A 128 -12.21 20.47 -5.34
N GLU A 129 -13.32 20.88 -4.73
CA GLU A 129 -13.38 21.00 -3.27
C GLU A 129 -13.27 19.68 -2.48
N LYS A 130 -13.47 18.53 -3.14
CA LYS A 130 -13.29 17.25 -2.50
C LYS A 130 -11.79 16.97 -2.45
N GLU A 131 -11.05 17.62 -3.36
CA GLU A 131 -9.62 17.42 -3.53
C GLU A 131 -8.77 18.32 -2.64
N MET A 132 -9.13 19.61 -2.53
CA MET A 132 -8.28 20.56 -1.83
C MET A 132 -9.10 21.74 -1.33
N THR A 133 -8.49 22.56 -0.48
CA THR A 133 -9.17 23.73 0.07
C THR A 133 -8.49 24.97 -0.48
N ARG A 134 -9.26 25.86 -1.08
CA ARG A 134 -8.70 26.95 -1.90
C ARG A 134 -8.52 28.23 -1.09
N PRO A 135 -7.29 28.77 -1.10
CA PRO A 135 -7.00 30.03 -0.41
C PRO A 135 -7.43 31.27 -1.21
N TYR A 136 -7.34 32.44 -0.58
CA TYR A 136 -7.50 33.68 -1.31
C TYR A 136 -6.37 34.59 -0.87
N PHE A 137 -6.19 35.67 -1.61
CA PHE A 137 -5.05 36.52 -1.37
C PHE A 137 -5.46 37.96 -1.54
N VAL A 138 -4.99 38.80 -0.62
CA VAL A 138 -5.35 40.22 -0.58
C VAL A 138 -4.11 41.09 -0.74
N GLY A 139 -4.26 42.22 -1.39
CA GLY A 139 -3.14 43.13 -1.56
C GLY A 139 -3.61 44.37 -2.28
N LYS A 140 -2.66 45.16 -2.74
CA LYS A 140 -2.96 46.41 -3.41
C LYS A 140 -1.95 46.64 -4.55
N GLY A 141 -1.53 45.56 -5.22
CA GLY A 141 -0.58 45.66 -6.33
C GLY A 141 -1.05 46.71 -7.33
N SER A 142 -0.18 47.64 -7.75
CA SER A 142 -0.62 48.66 -8.68
C SER A 142 -1.00 48.11 -10.05
N ALA A 143 -0.27 47.10 -10.53
CA ALA A 143 -0.59 46.49 -11.82
C ALA A 143 -1.95 45.80 -11.78
N VAL A 144 -2.16 44.94 -10.80
CA VAL A 144 -3.44 44.21 -10.72
C VAL A 144 -4.61 45.15 -10.38
N VAL A 145 -4.44 46.02 -9.37
CA VAL A 145 -5.48 47.00 -9.04
C VAL A 145 -5.74 47.94 -10.23
N GLY A 146 -4.68 48.31 -10.95
CA GLY A 146 -4.79 49.19 -12.12
C GLY A 146 -5.57 48.56 -13.26
N GLN A 147 -5.26 47.29 -13.53
CA GLN A 147 -5.98 46.54 -14.55
C GLN A 147 -7.44 46.33 -14.21
N MET A 148 -7.72 46.01 -12.95
CA MET A 148 -9.09 45.91 -12.50
C MET A 148 -9.84 47.23 -12.72
N ALA A 149 -9.24 48.37 -12.37
CA ALA A 149 -9.82 49.68 -12.63
C ALA A 149 -10.12 49.94 -14.10
N ALA A 150 -9.15 49.65 -14.98
CA ALA A 150 -9.31 49.78 -16.42
C ALA A 150 -10.49 48.98 -16.94
N ALA A 151 -10.60 47.71 -16.55
CA ALA A 151 -11.69 46.84 -16.98
C ALA A 151 -13.06 47.42 -16.59
N LEU A 152 -13.13 47.89 -15.34
CA LEU A 152 -14.35 48.53 -14.84
C LEU A 152 -14.60 49.87 -15.52
N ALA A 153 -13.55 50.59 -15.90
CA ALA A 153 -13.74 51.88 -16.56
C ALA A 153 -14.35 51.72 -17.96
N VAL A 154 -13.75 50.87 -18.80
CA VAL A 154 -14.35 50.58 -20.10
C VAL A 154 -15.71 49.90 -19.97
N GLY A 155 -15.82 48.95 -19.04
CA GLY A 155 -17.10 48.29 -18.78
C GLY A 155 -18.23 49.27 -18.50
N SER A 156 -17.93 50.29 -17.69
CA SER A 156 -18.91 51.31 -17.29
C SER A 156 -19.47 52.07 -18.48
N ILE A 157 -18.67 52.18 -19.54
CA ILE A 157 -19.08 52.85 -20.77
C ILE A 157 -19.99 51.92 -21.56
N VAL A 158 -19.48 50.74 -21.91
CA VAL A 158 -20.17 49.91 -22.88
C VAL A 158 -21.42 49.29 -22.29
N LEU A 159 -21.44 49.14 -20.97
CA LEU A 159 -22.61 48.60 -20.27
C LEU A 159 -23.42 49.66 -19.53
N LYS A 160 -23.04 50.93 -19.71
CA LYS A 160 -23.75 52.08 -19.11
C LYS A 160 -24.05 51.86 -17.64
N ASN A 161 -23.01 51.71 -16.83
CA ASN A 161 -23.21 51.21 -15.48
C ASN A 161 -22.44 52.06 -14.46
N ASP A 162 -23.15 52.86 -13.67
CA ASP A 162 -22.54 53.73 -12.67
C ASP A 162 -21.75 53.01 -11.57
N THR A 163 -22.09 51.75 -11.29
CA THR A 163 -21.38 51.03 -10.24
C THR A 163 -19.99 50.66 -10.74
N TYR A 164 -19.89 50.17 -11.96
CA TYR A 164 -18.61 49.89 -12.58
C TYR A 164 -17.72 51.12 -12.57
N LEU A 165 -18.26 52.28 -12.92
CA LEU A 165 -17.46 53.52 -12.90
C LEU A 165 -16.98 53.88 -11.51
N ARG A 166 -17.87 53.69 -10.52
CA ARG A 166 -17.57 54.00 -9.13
C ARG A 166 -16.39 53.17 -8.62
N TYR A 167 -16.41 51.89 -8.96
CA TYR A 167 -15.33 51.00 -8.56
C TYR A 167 -14.09 51.16 -9.44
N ALA A 168 -14.24 51.55 -10.70
CA ALA A 168 -13.06 51.87 -11.51
C ALA A 168 -12.28 52.99 -10.84
N LYS A 169 -13.01 54.00 -10.38
CA LYS A 169 -12.42 55.15 -9.72
C LYS A 169 -11.78 54.77 -8.39
N LYS A 170 -12.45 53.92 -7.62
CA LYS A 170 -11.91 53.43 -6.35
C LYS A 170 -10.56 52.75 -6.55
N TYR A 171 -10.55 51.80 -7.49
CA TYR A 171 -9.38 50.97 -7.70
C TYR A 171 -8.27 51.81 -8.30
N PHE A 172 -8.61 52.69 -9.24
CA PHE A 172 -7.56 53.52 -9.82
C PHE A 172 -6.85 54.38 -8.77
N GLU A 173 -7.62 54.98 -7.87
CA GLU A 173 -7.07 55.83 -6.80
C GLU A 173 -6.19 55.01 -5.85
N LEU A 174 -6.55 53.75 -5.64
CA LEU A 174 -5.74 52.85 -4.82
C LEU A 174 -4.45 52.50 -5.54
N ALA A 175 -4.55 52.20 -6.83
CA ALA A 175 -3.38 51.80 -7.61
C ALA A 175 -2.40 52.95 -7.79
N ASP A 176 -2.92 54.15 -7.89
CA ASP A 176 -2.13 55.35 -8.11
C ASP A 176 -1.52 55.93 -6.83
N ALA A 177 -2.18 55.70 -5.69
CA ALA A 177 -1.62 56.03 -4.38
C ALA A 177 -0.56 55.03 -3.93
N THR A 178 -0.71 53.75 -4.30
CA THR A 178 0.21 52.71 -3.84
C THR A 178 1.55 52.72 -4.58
N ARG A 179 1.47 52.93 -5.91
CA ARG A 179 2.62 52.89 -6.79
C ARG A 179 3.66 51.83 -6.41
N SER A 180 3.19 50.60 -6.27
CA SER A 180 4.05 49.48 -5.92
C SER A 180 3.39 48.14 -6.18
N ASP A 181 4.16 47.20 -6.72
CA ASP A 181 3.70 45.82 -6.92
C ASP A 181 4.12 44.88 -5.79
N SER A 182 4.61 45.47 -4.70
CA SER A 182 5.22 44.70 -3.62
C SER A 182 4.28 43.71 -2.95
N THR A 183 2.98 44.03 -2.89
CA THR A 183 2.00 43.13 -2.29
C THR A 183 1.33 42.19 -3.29
N TYR A 184 1.83 42.17 -4.53
CA TYR A 184 1.34 41.29 -5.58
C TYR A 184 2.35 40.16 -5.74
N THR A 185 2.14 39.07 -5.01
CA THR A 185 3.13 38.01 -4.94
C THR A 185 2.56 36.64 -5.26
N ALA A 186 1.27 36.45 -5.03
CA ALA A 186 0.65 35.12 -5.11
C ALA A 186 0.61 34.51 -6.51
N ALA A 187 0.73 35.33 -7.56
CA ALA A 187 0.79 34.81 -8.91
C ALA A 187 2.22 34.73 -9.50
N ASN A 188 3.24 34.98 -8.69
CA ASN A 188 4.61 34.94 -9.16
C ASN A 188 4.95 33.60 -9.84
N GLY A 189 5.52 33.67 -11.04
CA GLY A 189 5.84 32.47 -11.81
C GLY A 189 4.73 32.11 -12.77
N PHE A 190 3.52 32.59 -12.50
CA PHE A 190 2.38 32.39 -13.39
C PHE A 190 2.07 33.68 -14.15
N TYR A 191 1.76 34.73 -13.40
CA TYR A 191 1.46 36.05 -13.94
C TYR A 191 2.21 37.15 -13.15
N SER A 192 3.52 36.98 -13.04
CA SER A 192 4.37 37.95 -12.37
C SER A 192 4.28 39.30 -13.06
N SER A 193 4.37 40.39 -12.30
CA SER A 193 4.42 41.69 -12.94
C SER A 193 5.82 41.96 -13.47
N HIS A 194 6.01 41.72 -14.77
CA HIS A 194 7.31 41.84 -15.43
C HIS A 194 7.57 43.28 -15.86
N SER A 195 6.56 43.96 -16.38
CA SER A 195 6.79 45.27 -16.97
C SER A 195 6.79 46.37 -15.92
N GLY A 196 6.32 46.06 -14.71
CA GLY A 196 6.03 47.08 -13.71
C GLY A 196 4.60 47.59 -13.84
N PHE A 197 4.28 48.66 -13.14
CA PHE A 197 2.88 49.06 -13.02
C PHE A 197 2.52 50.36 -13.74
N TRP A 198 3.53 51.05 -14.26
CA TRP A 198 3.29 52.33 -14.92
C TRP A 198 2.34 52.17 -16.11
N ASP A 199 2.46 51.06 -16.84
CA ASP A 199 1.55 50.83 -17.97
C ASP A 199 0.07 50.66 -17.57
N GLU A 200 -0.20 49.92 -16.50
CA GLU A 200 -1.56 49.79 -15.97
C GLU A 200 -2.14 51.13 -15.54
N LEU A 201 -1.36 51.99 -14.91
CA LEU A 201 -1.85 53.31 -14.51
C LEU A 201 -2.20 54.12 -15.77
N LEU A 202 -1.33 54.07 -16.77
CA LEU A 202 -1.58 54.73 -18.06
C LEU A 202 -2.84 54.19 -18.72
N TRP A 203 -3.00 52.87 -18.74
CA TRP A 203 -4.18 52.21 -19.29
C TRP A 203 -5.46 52.56 -18.53
N ALA A 204 -5.44 52.47 -17.20
CA ALA A 204 -6.61 52.81 -16.39
C ALA A 204 -7.04 54.27 -16.53
N SER A 205 -6.06 55.17 -16.48
CA SER A 205 -6.35 56.60 -16.51
C SER A 205 -6.85 57.03 -17.88
N THR A 206 -6.30 56.42 -18.93
CA THR A 206 -6.81 56.62 -20.28
C THR A 206 -8.28 56.21 -20.38
N TRP A 207 -8.61 55.00 -19.91
CA TRP A 207 -10.02 54.59 -19.95
C TRP A 207 -10.94 55.43 -19.07
N LEU A 208 -10.49 55.82 -17.88
CA LEU A 208 -11.26 56.76 -17.05
C LEU A 208 -11.51 58.09 -17.75
N TYR A 209 -10.52 58.58 -18.48
CA TYR A 209 -10.70 59.78 -19.28
C TYR A 209 -11.75 59.61 -20.37
N LEU A 210 -11.70 58.49 -21.08
CA LEU A 210 -12.70 58.17 -22.08
C LEU A 210 -14.09 57.98 -21.50
N ALA A 211 -14.17 57.48 -20.27
CA ALA A 211 -15.44 57.34 -19.55
C ALA A 211 -16.00 58.65 -19.04
N THR A 212 -15.14 59.50 -18.47
CA THR A 212 -15.61 60.66 -17.71
C THR A 212 -15.53 61.96 -18.51
N GLY A 213 -14.53 62.04 -19.39
CA GLY A 213 -14.26 63.28 -20.09
C GLY A 213 -13.53 64.23 -19.16
N ASP A 214 -13.25 63.78 -17.94
CA ASP A 214 -12.52 64.57 -16.96
C ASP A 214 -11.06 64.72 -17.38
N ARG A 215 -10.72 65.97 -17.68
CA ARG A 215 -9.40 66.40 -18.15
C ARG A 215 -8.27 65.90 -17.26
N ASN A 216 -8.55 65.76 -15.96
CA ASN A 216 -7.55 65.39 -14.96
C ASN A 216 -6.96 64.00 -15.20
N TYR A 217 -7.79 63.09 -15.69
CA TYR A 217 -7.32 61.75 -16.05
C TYR A 217 -6.41 61.79 -17.27
N LEU A 218 -6.71 62.67 -18.22
CA LEU A 218 -5.81 62.90 -19.35
C LEU A 218 -4.42 63.37 -18.90
N ASP A 219 -4.37 64.38 -18.04
CA ASP A 219 -3.11 64.88 -17.50
C ASP A 219 -2.33 63.78 -16.79
N LYS A 220 -3.01 63.03 -15.92
CA LYS A 220 -2.46 61.83 -15.32
C LYS A 220 -1.85 60.89 -16.37
N ALA A 221 -2.67 60.50 -17.35
CA ALA A 221 -2.22 59.54 -18.38
C ALA A 221 -0.94 60.02 -19.05
N GLU A 222 -0.99 61.24 -19.57
CA GLU A 222 0.18 61.84 -20.17
C GLU A 222 1.36 61.92 -19.20
N SER A 223 1.11 62.09 -17.90
CA SER A 223 2.21 62.17 -16.94
C SER A 223 2.92 60.83 -16.72
N TYR A 224 2.28 59.73 -17.10
CA TYR A 224 2.90 58.41 -16.98
C TYR A 224 3.84 58.04 -18.12
N THR A 225 3.68 58.66 -19.28
CA THR A 225 4.48 58.28 -20.45
C THR A 225 6.01 58.28 -20.24
N PRO A 226 6.57 59.28 -19.53
CA PRO A 226 8.02 59.20 -19.26
C PRO A 226 8.47 58.04 -18.37
N LYS A 227 7.55 57.36 -17.69
CA LYS A 227 7.93 56.27 -16.80
C LYS A 227 7.84 54.90 -17.46
N LEU A 228 7.33 54.85 -18.69
CA LEU A 228 7.25 53.57 -19.39
C LEU A 228 8.66 53.04 -19.62
N ASN A 229 8.82 51.72 -19.66
CA ASN A 229 10.10 51.13 -20.04
C ASN A 229 10.54 51.57 -21.43
N ARG A 230 11.86 51.69 -21.60
CA ARG A 230 12.46 52.10 -22.87
C ARG A 230 12.70 50.85 -23.71
N GLN A 231 12.90 51.01 -25.00
CA GLN A 231 13.32 49.91 -25.87
C GLN A 231 14.83 49.79 -25.75
N ASN A 232 15.30 48.67 -25.21
CA ASN A 232 16.73 48.44 -24.96
C ASN A 232 17.40 49.69 -24.39
N GLN A 233 18.55 50.06 -24.93
CA GLN A 233 19.35 51.15 -24.38
C GLN A 233 18.95 52.53 -24.89
N THR A 234 17.82 52.60 -25.58
CA THR A 234 17.49 53.79 -26.37
C THR A 234 16.51 54.71 -25.66
N THR A 235 16.07 55.70 -26.42
CA THR A 235 15.27 56.81 -25.90
C THR A 235 13.76 56.57 -26.07
N ASP A 236 13.43 55.62 -26.94
CA ASP A 236 12.05 55.34 -27.29
C ASP A 236 11.38 54.47 -26.23
N ILE A 237 10.08 54.68 -26.08
CA ILE A 237 9.26 53.80 -25.28
C ILE A 237 9.30 52.43 -25.96
N GLU A 238 9.37 51.38 -25.15
CA GLU A 238 9.42 50.00 -25.64
C GLU A 238 8.29 49.67 -26.61
N TYR A 239 8.61 49.10 -27.77
CA TYR A 239 7.60 48.82 -28.78
C TYR A 239 7.61 47.39 -29.30
N GLN A 240 8.66 46.64 -28.95
CA GLN A 240 8.97 45.32 -29.51
C GLN A 240 8.38 44.20 -28.66
N TRP A 241 7.08 44.29 -28.46
CA TRP A 241 6.33 43.26 -27.76
C TRP A 241 4.90 43.53 -28.18
N ALA A 242 4.00 42.79 -27.52
CA ALA A 242 2.56 42.92 -27.68
C ALA A 242 1.85 43.48 -26.45
N HIS A 243 0.82 44.25 -26.71
CA HIS A 243 -0.31 44.37 -25.80
C HIS A 243 -0.74 42.99 -25.28
N CYS A 244 -0.79 42.87 -23.95
CA CYS A 244 -0.99 41.58 -23.31
C CYS A 244 -1.36 41.77 -21.85
N TRP A 245 -1.69 40.68 -21.18
CA TRP A 245 -2.09 40.76 -19.77
C TRP A 245 -1.14 41.56 -18.86
N ASP A 246 0.15 41.63 -19.22
CA ASP A 246 1.17 42.25 -18.37
C ASP A 246 1.45 43.72 -18.68
N ASP A 247 1.05 44.16 -19.87
CA ASP A 247 1.53 45.40 -20.47
C ASP A 247 0.61 45.92 -21.57
N CYS A 248 -0.16 46.92 -21.16
CA CYS A 248 -1.21 47.52 -21.98
C CYS A 248 -0.83 48.91 -22.48
N HIS A 249 0.45 49.29 -22.38
CA HIS A 249 0.82 50.62 -22.86
C HIS A 249 0.61 50.79 -24.36
N TYR A 250 0.81 49.70 -25.13
CA TYR A 250 0.49 49.62 -26.56
C TYR A 250 -0.91 50.11 -26.96
N GLY A 251 -1.96 49.49 -26.42
CA GLY A 251 -3.32 49.95 -26.67
C GLY A 251 -3.59 51.35 -26.15
N ALA A 252 -3.02 51.69 -24.98
CA ALA A 252 -3.18 53.03 -24.40
C ALA A 252 -2.66 54.15 -25.33
N MET A 253 -1.47 53.93 -25.91
CA MET A 253 -0.92 54.89 -26.87
C MET A 253 -1.79 55.04 -28.12
N ILE A 254 -2.33 53.93 -28.62
CA ILE A 254 -3.30 53.96 -29.72
C ILE A 254 -4.53 54.80 -29.36
N LEU A 255 -5.06 54.58 -28.17
CA LEU A 255 -6.19 55.36 -27.66
C LEU A 255 -5.86 56.84 -27.52
N LEU A 256 -4.65 57.15 -27.04
CA LEU A 256 -4.25 58.54 -26.85
C LEU A 256 -3.92 59.26 -28.17
N ALA A 257 -3.40 58.51 -29.14
CA ALA A 257 -3.25 58.96 -30.51
C ALA A 257 -4.57 59.52 -31.07
N ARG A 258 -5.63 58.76 -30.86
CA ARG A 258 -6.95 59.12 -31.38
C ARG A 258 -7.55 60.24 -30.53
N ALA A 259 -7.38 60.17 -29.23
CA ALA A 259 -8.00 61.15 -28.33
C ALA A 259 -7.37 62.54 -28.41
N THR A 260 -6.05 62.60 -28.52
CA THR A 260 -5.34 63.89 -28.50
C THR A 260 -4.83 64.31 -29.88
N GLY A 261 -4.68 63.34 -30.79
CA GLY A 261 -4.11 63.58 -32.11
C GLY A 261 -2.62 63.93 -32.10
N LYS A 262 -1.99 63.91 -30.93
CA LYS A 262 -0.60 64.32 -30.78
C LYS A 262 0.35 63.41 -31.55
N GLU A 263 1.43 64.00 -32.09
CA GLU A 263 2.35 63.26 -32.96
C GLU A 263 3.16 62.19 -32.24
N GLU A 264 3.56 62.45 -31.00
CA GLU A 264 4.28 61.45 -30.20
C GLU A 264 3.56 60.11 -30.08
N TYR A 265 2.23 60.14 -30.03
CA TYR A 265 1.47 58.91 -29.90
C TYR A 265 1.35 58.22 -31.25
N HIS A 266 1.11 59.00 -32.31
CA HIS A 266 1.00 58.43 -33.65
C HIS A 266 2.33 57.79 -34.08
N LYS A 267 3.42 58.47 -33.74
CA LYS A 267 4.76 57.98 -34.05
C LYS A 267 5.02 56.63 -33.37
N PHE A 268 4.61 56.52 -32.11
CA PHE A 268 4.79 55.30 -31.36
C PHE A 268 4.01 54.15 -31.98
N ALA A 269 2.74 54.39 -32.30
CA ALA A 269 1.83 53.39 -32.79
C ALA A 269 2.33 52.81 -34.11
N GLN A 270 2.84 53.69 -34.97
CA GLN A 270 3.31 53.29 -36.28
C GLN A 270 4.62 52.51 -36.16
N MET A 271 5.50 52.96 -35.28
CA MET A 271 6.73 52.22 -35.01
C MET A 271 6.42 50.81 -34.50
N HIS A 272 5.57 50.73 -33.49
CA HIS A 272 5.12 49.47 -32.91
C HIS A 272 4.45 48.53 -33.92
N LEU A 273 3.47 49.06 -34.66
CA LEU A 273 2.76 48.25 -35.64
C LEU A 273 3.66 47.86 -36.81
N ASP A 274 4.54 48.77 -37.26
CA ASP A 274 5.52 48.44 -38.31
C ASP A 274 6.39 47.26 -37.90
N TRP A 275 6.86 47.25 -36.66
CA TRP A 275 7.68 46.14 -36.19
C TRP A 275 6.95 44.79 -36.29
N TRP A 276 5.62 44.82 -36.21
CA TRP A 276 4.80 43.61 -36.34
C TRP A 276 4.47 43.16 -37.77
N THR A 277 4.62 44.09 -38.71
CA THR A 277 4.22 43.83 -40.09
C THR A 277 5.35 43.11 -40.79
N PRO A 278 5.06 42.43 -41.91
CA PRO A 278 6.14 41.83 -42.69
C PRO A 278 7.22 42.81 -43.17
N GLN A 279 6.90 44.08 -43.39
CA GLN A 279 7.94 45.03 -43.79
C GLN A 279 8.85 45.45 -42.64
N GLY A 280 8.38 45.33 -41.40
CA GLY A 280 9.17 45.70 -40.23
C GLY A 280 9.36 47.19 -40.03
N TYR A 281 10.19 47.55 -39.07
CA TYR A 281 10.52 48.94 -38.76
C TYR A 281 12.02 49.19 -38.84
N ASN A 282 12.46 49.87 -39.90
CA ASN A 282 13.88 50.17 -40.10
C ASN A 282 14.79 48.98 -39.83
N GLY A 283 14.42 47.83 -40.38
CA GLY A 283 15.26 46.64 -40.27
C GLY A 283 15.09 45.79 -39.02
N LYS A 284 14.10 46.13 -38.18
CA LYS A 284 13.79 45.35 -36.97
C LYS A 284 12.39 44.81 -37.15
N ARG A 285 12.14 43.56 -36.75
CA ARG A 285 10.85 42.90 -36.96
C ARG A 285 10.66 41.71 -36.02
N VAL A 286 9.46 41.56 -35.47
CA VAL A 286 9.04 40.27 -34.89
C VAL A 286 9.37 39.08 -35.79
N ALA A 287 9.67 37.95 -35.15
CA ALA A 287 9.84 36.70 -35.88
C ALA A 287 8.54 36.30 -36.60
N TYR A 288 8.67 35.81 -37.82
CA TYR A 288 7.50 35.32 -38.55
C TYR A 288 7.69 33.85 -38.88
N THR A 289 6.68 33.00 -38.68
CA THR A 289 6.78 31.65 -39.23
C THR A 289 6.75 31.73 -40.75
N PRO A 290 7.34 30.76 -41.46
CA PRO A 290 7.19 30.73 -42.92
C PRO A 290 5.74 30.73 -43.39
N GLY A 291 4.84 30.10 -42.64
CA GLY A 291 3.40 30.10 -42.92
C GLY A 291 2.66 31.42 -42.73
N GLY A 292 3.33 32.41 -42.14
CA GLY A 292 2.88 33.79 -42.05
C GLY A 292 2.40 34.30 -40.70
N LEU A 293 2.60 33.53 -39.63
CA LEU A 293 2.18 33.95 -38.28
C LEU A 293 3.26 34.82 -37.64
N ALA A 294 2.92 36.04 -37.22
CA ALA A 294 3.88 36.78 -36.40
C ALA A 294 4.00 36.01 -35.09
N HIS A 295 5.22 35.62 -34.75
CA HIS A 295 5.46 34.66 -33.66
C HIS A 295 6.32 35.33 -32.58
N LEU A 296 5.67 35.93 -31.58
CA LEU A 296 6.38 36.69 -30.56
C LEU A 296 7.19 35.84 -29.60
N ASP A 297 6.68 34.66 -29.29
CA ASP A 297 7.20 33.87 -28.18
C ASP A 297 6.65 32.48 -28.33
N THR A 298 7.35 31.50 -27.77
CA THR A 298 6.91 30.12 -27.88
C THR A 298 5.61 29.92 -27.08
N TRP A 299 5.38 30.75 -26.06
CA TRP A 299 4.18 30.66 -25.22
C TRP A 299 3.02 31.50 -25.75
N GLY A 300 1.94 30.86 -26.17
CA GLY A 300 0.75 31.55 -26.66
C GLY A 300 0.97 32.47 -27.85
N PRO A 301 1.67 32.00 -28.88
CA PRO A 301 1.91 32.93 -29.98
C PRO A 301 0.65 33.44 -30.65
N LEU A 302 -0.37 32.59 -30.83
CA LEU A 302 -1.64 33.04 -31.43
C LEU A 302 -2.30 34.13 -30.60
N ARG A 303 -2.29 33.99 -29.28
CA ARG A 303 -2.74 35.05 -28.38
C ARG A 303 -2.12 36.42 -28.69
N TYR A 304 -0.79 36.49 -28.79
CA TYR A 304 -0.12 37.76 -29.07
C TYR A 304 -0.48 38.29 -30.46
N ALA A 305 -0.41 37.43 -31.48
CA ALA A 305 -0.64 37.89 -32.85
C ALA A 305 -2.07 38.40 -33.02
N THR A 306 -3.04 37.67 -32.45
CA THR A 306 -4.45 38.01 -32.65
C THR A 306 -4.84 39.27 -31.88
N THR A 307 -4.21 39.50 -30.73
CA THR A 307 -4.39 40.76 -30.01
C THR A 307 -3.85 41.96 -30.79
N GLU A 308 -2.65 41.78 -31.35
CA GLU A 308 -2.14 42.82 -32.24
C GLU A 308 -3.01 43.05 -33.48
N ALA A 309 -3.68 42.01 -33.99
CA ALA A 309 -4.61 42.18 -35.10
C ALA A 309 -5.69 43.21 -34.75
N PHE A 310 -6.22 43.08 -33.53
CA PHE A 310 -7.21 44.03 -33.00
C PHE A 310 -6.69 45.46 -32.86
N LEU A 311 -5.53 45.64 -32.23
CA LEU A 311 -4.92 46.97 -32.15
C LEU A 311 -4.69 47.55 -33.54
N ALA A 312 -4.19 46.73 -34.47
CA ALA A 312 -3.97 47.16 -35.85
C ALA A 312 -5.25 47.61 -36.53
N PHE A 313 -6.33 46.84 -36.37
CA PHE A 313 -7.65 47.22 -36.88
C PHE A 313 -8.11 48.57 -36.32
N VAL A 314 -7.94 48.75 -35.01
CA VAL A 314 -8.40 49.95 -34.34
C VAL A 314 -7.59 51.14 -34.86
N TYR A 315 -6.27 50.98 -34.95
CA TYR A 315 -5.48 52.12 -35.38
C TYR A 315 -5.73 52.44 -36.87
N ALA A 316 -5.84 51.43 -37.71
CA ALA A 316 -6.17 51.66 -39.12
C ALA A 316 -7.53 52.34 -39.33
N ASP A 317 -8.54 51.95 -38.54
CA ASP A 317 -9.84 52.58 -38.59
C ASP A 317 -9.81 54.02 -38.08
N SER A 318 -8.75 54.42 -37.38
CA SER A 318 -8.65 55.76 -36.82
C SER A 318 -7.74 56.72 -37.58
N ILE A 319 -7.12 56.30 -38.67
CA ILE A 319 -6.31 57.23 -39.47
C ILE A 319 -6.90 57.29 -40.87
N ASN A 320 -6.33 58.15 -41.70
CA ASN A 320 -6.80 58.36 -43.08
C ASN A 320 -5.83 58.00 -44.19
N ASP A 321 -4.55 57.91 -43.84
CA ASP A 321 -3.55 57.55 -44.83
C ASP A 321 -3.82 56.17 -45.43
N PRO A 322 -4.10 56.11 -46.75
CA PRO A 322 -4.56 54.89 -47.41
C PRO A 322 -3.55 53.75 -47.41
N ALA A 323 -2.27 54.07 -47.54
CA ALA A 323 -1.20 53.08 -47.56
C ALA A 323 -1.04 52.41 -46.19
N LEU A 324 -1.01 53.23 -45.14
CA LEU A 324 -0.92 52.75 -43.77
C LEU A 324 -2.12 51.90 -43.36
N LYS A 325 -3.32 52.41 -43.62
CA LYS A 325 -4.57 51.65 -43.45
C LYS A 325 -4.52 50.27 -44.11
N GLN A 326 -4.07 50.21 -45.36
CA GLN A 326 -4.03 48.93 -46.06
C GLN A 326 -2.96 48.01 -45.44
N LYS A 327 -1.82 48.58 -45.07
CA LYS A 327 -0.74 47.81 -44.46
C LYS A 327 -1.18 47.17 -43.13
N TYR A 328 -1.82 47.96 -42.28
CA TYR A 328 -2.25 47.52 -40.95
C TYR A 328 -3.44 46.56 -40.98
N TYR A 329 -4.38 46.81 -41.89
CA TYR A 329 -5.53 45.93 -42.12
C TYR A 329 -5.08 44.59 -42.70
N ASN A 330 -4.12 44.61 -43.62
CA ASN A 330 -3.67 43.36 -44.21
C ASN A 330 -2.98 42.51 -43.16
N PHE A 331 -2.13 43.15 -42.36
CA PHE A 331 -1.49 42.48 -41.24
C PHE A 331 -2.53 41.87 -40.29
N ALA A 332 -3.54 42.64 -39.94
CA ALA A 332 -4.53 42.19 -38.95
C ALA A 332 -5.29 40.99 -39.46
N LYS A 333 -5.80 41.10 -40.69
CA LYS A 333 -6.67 40.05 -41.18
C LYS A 333 -5.86 38.79 -41.40
N SER A 334 -4.60 38.94 -41.81
CA SER A 334 -3.75 37.78 -42.00
C SER A 334 -3.44 37.02 -40.71
N GLN A 335 -3.32 37.71 -39.58
CA GLN A 335 -3.15 37.00 -38.31
C GLN A 335 -4.39 36.22 -37.91
N ILE A 336 -5.55 36.87 -37.95
CA ILE A 336 -6.79 36.17 -37.66
C ILE A 336 -7.02 34.98 -38.60
N ASP A 337 -6.79 35.16 -39.90
CA ASP A 337 -7.08 34.10 -40.86
C ASP A 337 -6.12 32.93 -40.66
N TYR A 338 -4.89 33.24 -40.24
CA TYR A 338 -3.96 32.17 -39.88
C TYR A 338 -4.59 31.33 -38.77
N ALA A 339 -5.10 31.98 -37.73
CA ALA A 339 -5.71 31.28 -36.60
C ALA A 339 -6.92 30.43 -37.00
N LEU A 340 -7.61 30.90 -38.04
CA LEU A 340 -8.83 30.24 -38.49
C LEU A 340 -8.60 29.13 -39.53
N GLY A 341 -7.40 29.06 -40.10
CA GLY A 341 -7.07 27.99 -41.06
C GLY A 341 -6.23 28.34 -42.29
N SER A 342 -5.80 29.59 -42.43
CA SER A 342 -4.90 29.97 -43.54
C SER A 342 -3.44 29.81 -43.12
N ASN A 343 -3.02 28.55 -43.11
CA ASN A 343 -1.74 28.16 -42.53
C ASN A 343 -1.26 26.93 -43.28
N PRO A 344 -0.01 26.50 -43.06
CA PRO A 344 0.49 25.38 -43.83
C PRO A 344 -0.34 24.09 -43.71
N ASP A 345 -1.09 23.92 -42.61
CA ASP A 345 -1.93 22.73 -42.46
C ASP A 345 -3.40 22.97 -42.81
N ASN A 346 -3.73 24.17 -43.30
CA ASN A 346 -5.12 24.53 -43.60
C ASN A 346 -6.05 24.15 -42.44
N ARG A 347 -5.62 24.39 -41.21
CA ARG A 347 -6.41 23.94 -40.07
C ARG A 347 -6.70 25.05 -39.06
N SER A 348 -7.92 25.01 -38.55
CA SER A 348 -8.33 25.88 -37.46
C SER A 348 -7.53 25.59 -36.20
N TYR A 349 -7.15 26.65 -35.49
CA TYR A 349 -6.59 26.57 -34.16
C TYR A 349 -7.60 27.04 -33.10
N VAL A 350 -8.87 27.05 -33.48
CA VAL A 350 -9.98 27.33 -32.57
C VAL A 350 -10.78 26.06 -32.38
N VAL A 351 -10.82 25.57 -31.14
CA VAL A 351 -11.57 24.35 -30.82
C VAL A 351 -13.02 24.45 -31.29
N GLY A 352 -13.47 23.40 -31.95
CA GLY A 352 -14.85 23.30 -32.39
C GLY A 352 -15.24 24.24 -33.52
N PHE A 353 -14.25 24.79 -34.23
CA PHE A 353 -14.50 25.67 -35.38
C PHE A 353 -13.68 25.24 -36.60
N GLY A 354 -14.23 25.47 -37.79
CA GLY A 354 -13.47 25.29 -39.04
C GLY A 354 -12.98 23.89 -39.35
N ASN A 355 -12.00 23.79 -40.25
CA ASN A 355 -11.41 22.52 -40.66
C ASN A 355 -10.36 21.96 -39.69
N ASN A 356 -10.53 20.71 -39.31
CA ASN A 356 -9.56 19.98 -38.50
C ASN A 356 -9.14 20.74 -37.23
N PRO A 357 -10.10 21.25 -36.45
CA PRO A 357 -9.68 22.02 -35.26
C PRO A 357 -9.04 21.14 -34.18
N PRO A 358 -8.31 21.75 -33.22
CA PRO A 358 -7.76 20.99 -32.10
C PRO A 358 -8.83 20.25 -31.31
N GLN A 359 -8.53 19.03 -30.90
CA GLN A 359 -9.50 18.28 -30.10
C GLN A 359 -9.01 17.90 -28.72
N ARG A 360 -7.72 18.11 -28.47
CA ARG A 360 -7.14 17.79 -27.17
C ARG A 360 -6.57 19.02 -26.46
N PRO A 361 -7.35 20.10 -26.34
CA PRO A 361 -6.81 21.25 -25.61
C PRO A 361 -6.39 20.94 -24.17
N HIS A 362 -5.43 21.71 -23.66
CA HIS A 362 -4.99 21.55 -22.28
C HIS A 362 -5.98 22.17 -21.27
N HIS A 363 -7.10 21.47 -21.07
CA HIS A 363 -8.24 21.99 -20.33
C HIS A 363 -8.88 20.89 -19.52
N ARG A 364 -8.82 21.07 -18.21
CA ARG A 364 -9.27 20.06 -17.26
C ARG A 364 -10.72 19.65 -17.40
N THR A 365 -11.59 20.65 -17.37
CA THR A 365 -13.01 20.38 -17.26
C THR A 365 -13.58 19.91 -18.59
N ALA A 366 -13.01 20.42 -19.68
CA ALA A 366 -13.39 19.97 -21.02
C ALA A 366 -13.02 18.52 -21.30
N HIS A 367 -11.89 18.08 -20.77
CA HIS A 367 -11.44 16.68 -20.89
C HIS A 367 -12.39 15.71 -20.20
N GLY A 368 -12.67 15.98 -18.93
CA GLY A 368 -13.63 15.18 -18.17
C GLY A 368 -13.07 13.84 -17.71
N THR A 369 -11.97 13.88 -16.98
CA THR A 369 -11.41 12.66 -16.40
C THR A 369 -12.15 12.32 -15.11
N TRP A 370 -11.93 11.08 -14.64
CA TRP A 370 -12.43 10.64 -13.35
C TRP A 370 -11.30 10.15 -12.46
N LEU A 371 -10.08 10.22 -12.95
CA LEU A 371 -8.99 9.62 -12.18
C LEU A 371 -7.67 10.39 -12.21
N ASP A 372 -7.75 11.71 -12.27
CA ASP A 372 -6.55 12.55 -12.17
C ASP A 372 -5.46 12.12 -13.17
N LYS A 373 -5.87 11.83 -14.41
CA LYS A 373 -4.94 11.50 -15.48
C LYS A 373 -5.29 12.26 -16.75
N ARG A 374 -4.27 12.76 -17.44
CA ARG A 374 -4.46 13.36 -18.76
C ARG A 374 -4.77 12.40 -19.91
N ASP A 375 -4.33 11.15 -19.81
CA ASP A 375 -4.35 10.24 -20.95
C ASP A 375 -5.62 9.41 -21.01
N ILE A 376 -6.37 9.39 -19.91
CA ILE A 376 -7.66 8.70 -19.81
C ILE A 376 -8.70 9.74 -19.33
N PRO A 377 -9.82 9.89 -20.08
CA PRO A 377 -10.14 9.20 -21.34
C PRO A 377 -9.27 9.77 -22.46
N GLU A 378 -9.07 9.01 -23.53
CA GLU A 378 -8.19 9.44 -24.61
C GLU A 378 -8.76 10.47 -25.60
N LYS A 379 -10.08 10.60 -25.63
CA LYS A 379 -10.77 11.70 -26.31
C LYS A 379 -11.46 12.59 -25.28
N HIS A 380 -11.48 13.89 -25.52
CA HIS A 380 -12.16 14.79 -24.60
C HIS A 380 -13.64 14.44 -24.56
N ARG A 381 -14.26 14.58 -23.39
CA ARG A 381 -15.69 14.32 -23.26
C ARG A 381 -16.53 15.49 -23.73
N HIS A 382 -15.93 16.69 -23.71
CA HIS A 382 -16.65 17.92 -24.03
C HIS A 382 -15.99 18.78 -25.10
N VAL A 383 -16.79 19.58 -25.80
CA VAL A 383 -16.25 20.47 -26.82
C VAL A 383 -16.10 21.88 -26.29
N LEU A 384 -14.85 22.31 -26.19
CA LEU A 384 -14.54 23.65 -25.72
C LEU A 384 -14.65 24.65 -26.87
N TYR A 385 -15.83 24.75 -27.48
CA TYR A 385 -16.05 25.69 -28.59
C TYR A 385 -15.45 27.07 -28.36
N GLY A 386 -14.76 27.55 -29.39
CA GLY A 386 -14.27 28.92 -29.35
C GLY A 386 -12.89 29.19 -28.80
N ALA A 387 -12.33 28.21 -28.12
CA ALA A 387 -11.02 28.40 -27.50
C ALA A 387 -9.90 28.49 -28.54
N LEU A 388 -9.15 29.58 -28.48
CA LEU A 388 -7.98 29.70 -29.33
C LEU A 388 -6.81 29.10 -28.55
N VAL A 389 -6.20 28.04 -29.08
CA VAL A 389 -5.06 27.39 -28.43
C VAL A 389 -3.77 28.24 -28.49
N GLY A 390 -2.70 27.80 -27.83
CA GLY A 390 -1.43 28.50 -27.87
C GLY A 390 -0.95 28.64 -29.31
N GLY A 391 -0.98 27.53 -30.05
CA GLY A 391 -0.66 27.58 -31.45
C GLY A 391 0.66 26.93 -31.74
N PRO A 392 1.17 27.17 -32.96
CA PRO A 392 2.33 26.42 -33.43
C PRO A 392 3.67 26.98 -33.01
N GLY A 393 4.70 26.16 -33.15
CA GLY A 393 6.08 26.59 -33.00
C GLY A 393 6.50 27.55 -34.09
N ARG A 394 7.75 28.00 -33.98
CA ARG A 394 8.33 28.99 -34.84
C ARG A 394 8.40 28.54 -36.30
N ASP A 395 8.33 27.24 -36.52
CA ASP A 395 8.40 26.68 -37.86
C ASP A 395 7.05 26.13 -38.30
N ASP A 396 5.97 26.62 -37.68
CA ASP A 396 4.60 26.21 -38.01
C ASP A 396 4.24 24.78 -37.56
N SER A 397 5.14 24.10 -36.85
CA SER A 397 4.86 22.74 -36.40
C SER A 397 3.90 22.75 -35.22
N TYR A 398 3.12 21.69 -35.14
CA TYR A 398 2.07 21.57 -34.14
C TYR A 398 1.59 20.13 -34.10
N GLU A 399 1.33 19.65 -32.89
CA GLU A 399 0.57 18.43 -32.70
C GLU A 399 -0.45 18.64 -31.58
N ASP A 400 -1.63 18.11 -31.85
CA ASP A 400 -2.78 18.24 -30.96
C ASP A 400 -2.62 17.19 -29.87
N ASN A 401 -2.04 17.62 -28.76
CA ASN A 401 -1.63 16.71 -27.70
C ASN A 401 -1.99 17.36 -26.38
N ILE A 402 -2.82 16.69 -25.57
CA ILE A 402 -3.24 17.21 -24.25
C ILE A 402 -2.07 17.64 -23.35
N GLU A 403 -0.94 16.93 -23.48
CA GLU A 403 0.24 17.16 -22.67
C GLU A 403 0.97 18.46 -23.02
N ASP A 404 0.77 18.97 -24.24
CA ASP A 404 1.52 20.16 -24.64
C ASP A 404 0.86 21.43 -24.09
N TYR A 405 1.21 21.84 -22.88
CA TYR A 405 0.56 23.04 -22.33
C TYR A 405 1.12 24.34 -22.88
N VAL A 406 2.07 24.24 -23.81
CA VAL A 406 2.58 25.41 -24.50
C VAL A 406 1.70 25.60 -25.75
N LYS A 407 1.73 24.63 -26.66
CA LYS A 407 0.99 24.74 -27.92
C LYS A 407 -0.52 24.56 -27.79
N ASN A 408 -0.97 23.80 -26.79
CA ASN A 408 -2.40 23.48 -26.65
C ASN A 408 -3.05 24.02 -25.39
N GLU A 409 -2.41 24.97 -24.72
CA GLU A 409 -3.04 25.75 -23.66
C GLU A 409 -4.17 26.58 -24.26
N VAL A 410 -5.17 26.90 -23.45
CA VAL A 410 -6.26 27.82 -23.78
C VAL A 410 -6.35 28.80 -22.61
N ALA A 411 -6.80 30.03 -22.82
CA ALA A 411 -6.90 30.94 -21.67
C ALA A 411 -7.84 32.11 -21.95
N CYS A 412 -8.25 32.79 -20.88
CA CYS A 412 -9.07 33.99 -21.01
C CYS A 412 -8.37 35.04 -21.86
N ASP A 413 -7.08 35.26 -21.61
CA ASP A 413 -6.36 36.29 -22.35
C ASP A 413 -6.08 35.87 -23.80
N TYR A 414 -6.03 34.57 -24.07
CA TYR A 414 -5.86 34.08 -25.46
C TYR A 414 -7.03 34.53 -26.31
N ASN A 415 -8.24 34.42 -25.76
CA ASN A 415 -9.47 34.79 -26.46
C ASN A 415 -9.89 36.25 -26.51
N ALA A 416 -9.29 37.09 -25.68
CA ALA A 416 -9.81 38.45 -25.44
C ALA A 416 -9.62 39.46 -26.58
N GLY A 417 -8.36 39.72 -26.95
CA GLY A 417 -8.07 40.46 -28.16
C GLY A 417 -8.66 39.83 -29.41
N PHE A 418 -8.56 38.52 -29.50
CA PHE A 418 -9.17 37.72 -30.57
C PHE A 418 -10.65 38.07 -30.82
N VAL A 419 -11.44 38.08 -29.76
CA VAL A 419 -12.85 38.46 -29.86
C VAL A 419 -13.02 39.81 -30.55
N GLY A 420 -12.28 40.82 -30.10
CA GLY A 420 -12.35 42.15 -30.66
C GLY A 420 -11.97 42.20 -32.13
N ALA A 421 -10.97 41.43 -32.54
CA ALA A 421 -10.61 41.32 -33.94
C ALA A 421 -11.68 40.60 -34.76
N LEU A 422 -12.38 39.64 -34.15
CA LEU A 422 -13.46 38.95 -34.85
C LEU A 422 -14.72 39.82 -34.99
N CYS A 423 -14.93 40.68 -33.99
CA CYS A 423 -15.94 41.75 -34.06
C CYS A 423 -15.66 42.64 -35.27
N ARG A 424 -14.40 42.98 -35.47
CA ARG A 424 -14.09 43.88 -36.56
C ARG A 424 -14.37 43.20 -37.90
N LEU A 425 -14.03 41.93 -37.99
CA LEU A 425 -14.22 41.16 -39.22
C LEU A 425 -15.65 40.78 -39.59
N THR A 426 -16.47 40.51 -38.58
CA THR A 426 -17.87 40.19 -38.85
C THR A 426 -18.63 41.48 -39.20
N ALA A 427 -18.22 42.58 -38.60
CA ALA A 427 -18.71 43.92 -38.93
C ALA A 427 -18.52 44.18 -40.42
N GLU A 428 -17.42 43.69 -40.97
CA GLU A 428 -17.16 44.00 -42.37
C GLU A 428 -17.75 42.95 -43.31
N TYR A 429 -17.62 41.67 -42.98
CA TYR A 429 -18.06 40.62 -43.89
C TYR A 429 -19.35 39.93 -43.47
N GLY A 430 -19.87 40.30 -42.31
CA GLY A 430 -21.09 39.66 -41.81
C GLY A 430 -20.85 38.18 -41.57
N GLY A 431 -21.77 37.36 -42.08
CA GLY A 431 -21.81 35.93 -41.82
C GLY A 431 -23.03 35.60 -40.96
N THR A 432 -23.48 34.35 -41.04
CA THR A 432 -24.62 33.94 -40.22
C THR A 432 -24.21 32.98 -39.11
N PRO A 433 -24.51 33.33 -37.84
CA PRO A 433 -24.18 32.46 -36.71
C PRO A 433 -24.97 31.16 -36.77
N LEU A 434 -24.52 30.13 -36.06
CA LEU A 434 -25.16 28.81 -36.08
C LEU A 434 -26.47 28.86 -35.32
N ALA A 435 -27.54 28.35 -35.92
CA ALA A 435 -28.87 28.47 -35.35
C ALA A 435 -29.08 27.61 -34.10
N ASN A 436 -28.45 26.44 -34.06
CA ASN A 436 -28.82 25.48 -33.02
C ASN A 436 -27.70 25.35 -31.98
N PHE A 437 -26.78 26.31 -31.98
CA PHE A 437 -25.56 26.21 -31.17
C PHE A 437 -25.79 26.57 -29.70
N PRO A 438 -25.24 25.77 -28.76
CA PRO A 438 -24.46 24.55 -29.00
C PRO A 438 -25.37 23.32 -29.17
N PRO A 439 -25.01 22.37 -30.05
CA PRO A 439 -25.83 21.16 -30.17
C PRO A 439 -25.54 20.21 -29.00
N PRO A 440 -26.45 19.26 -28.72
CA PRO A 440 -26.23 18.44 -27.54
C PRO A 440 -25.08 17.44 -27.69
N GLU A 441 -24.37 17.19 -26.59
CA GLU A 441 -23.26 16.23 -26.63
C GLU A 441 -23.73 14.78 -26.53
N GLN A 442 -22.94 13.90 -27.12
CA GLN A 442 -23.06 12.47 -26.87
C GLN A 442 -22.50 12.14 -25.49
N ARG A 443 -23.34 11.61 -24.59
CA ARG A 443 -22.90 11.24 -23.24
C ARG A 443 -22.56 9.76 -23.11
N ASP A 444 -21.66 9.44 -22.19
CA ASP A 444 -21.50 8.06 -21.72
C ASP A 444 -22.10 7.91 -20.30
N ASP A 445 -22.17 6.67 -19.82
CA ASP A 445 -22.74 6.43 -18.49
C ASP A 445 -21.89 7.06 -17.40
N GLU A 446 -22.52 7.64 -16.38
CA GLU A 446 -21.84 8.45 -15.36
C GLU A 446 -21.81 7.78 -13.99
N PHE A 447 -22.93 7.23 -13.57
CA PHE A 447 -22.99 6.46 -12.33
C PHE A 447 -23.40 5.02 -12.67
N PHE A 448 -22.61 4.06 -12.21
CA PHE A 448 -22.85 2.64 -12.51
C PHE A 448 -21.98 1.73 -11.67
N VAL A 449 -22.41 0.47 -11.59
CA VAL A 449 -21.65 -0.58 -10.93
C VAL A 449 -20.85 -1.37 -11.97
N GLU A 450 -19.57 -1.59 -11.68
CA GLU A 450 -18.76 -2.63 -12.31
C GLU A 450 -18.69 -3.79 -11.32
N ALA A 451 -19.06 -4.99 -11.76
CA ALA A 451 -19.02 -6.14 -10.86
C ALA A 451 -18.28 -7.31 -11.49
N ALA A 452 -17.84 -8.21 -10.61
CA ALA A 452 -17.18 -9.45 -11.01
C ALA A 452 -17.54 -10.51 -9.97
N ILE A 453 -17.61 -11.76 -10.42
CA ILE A 453 -17.78 -12.88 -9.53
C ILE A 453 -16.45 -13.07 -8.82
N ASN A 454 -16.40 -12.71 -7.54
CA ASN A 454 -15.15 -12.75 -6.82
C ASN A 454 -14.78 -14.17 -6.39
N GLN A 455 -15.81 -14.94 -6.05
CA GLN A 455 -15.67 -16.38 -5.82
C GLN A 455 -17.05 -16.98 -5.94
N ALA A 456 -17.13 -18.14 -6.59
CA ALA A 456 -18.37 -18.89 -6.67
C ALA A 456 -18.16 -20.21 -5.94
N SER A 457 -19.20 -20.72 -5.29
CA SER A 457 -19.13 -22.01 -4.62
C SER A 457 -20.49 -22.71 -4.72
N ASP A 458 -20.55 -24.00 -4.41
CA ASP A 458 -21.86 -24.65 -4.48
C ASP A 458 -22.80 -24.23 -3.35
N HIS A 459 -22.36 -23.36 -2.46
CA HIS A 459 -23.28 -22.79 -1.48
C HIS A 459 -23.21 -21.27 -1.31
N PHE A 460 -22.41 -20.58 -2.13
CA PHE A 460 -22.44 -19.13 -2.12
C PHE A 460 -22.07 -18.43 -3.43
N THR A 461 -22.52 -17.18 -3.53
CA THR A 461 -21.99 -16.23 -4.49
C THR A 461 -21.29 -15.09 -3.74
N GLU A 462 -20.07 -14.77 -4.16
CA GLU A 462 -19.35 -13.61 -3.67
C GLU A 462 -19.03 -12.67 -4.83
N ILE A 463 -19.38 -11.40 -4.63
CA ILE A 463 -19.31 -10.40 -5.67
C ILE A 463 -18.31 -9.34 -5.27
N LYS A 464 -17.49 -8.92 -6.24
CA LYS A 464 -16.74 -7.67 -6.10
C LYS A 464 -17.46 -6.61 -6.92
N ALA A 465 -17.89 -5.55 -6.26
CA ALA A 465 -18.68 -4.48 -6.86
C ALA A 465 -18.05 -3.11 -6.66
N LEU A 466 -17.91 -2.35 -7.74
CA LEU A 466 -17.38 -1.00 -7.65
C LEU A 466 -18.45 -0.01 -8.12
N LEU A 467 -18.91 0.83 -7.21
CA LEU A 467 -19.92 1.83 -7.55
C LEU A 467 -19.18 3.07 -8.05
N ASN A 468 -19.36 3.37 -9.33
CA ASN A 468 -18.60 4.41 -10.01
C ASN A 468 -19.27 5.80 -10.02
N ASN A 469 -18.49 6.86 -9.83
CA ASN A 469 -18.91 8.21 -10.20
C ASN A 469 -17.90 8.75 -11.21
N ARG A 470 -18.23 8.61 -12.49
CA ARG A 470 -17.51 9.23 -13.60
C ARG A 470 -18.42 10.26 -14.29
N SER A 471 -19.08 11.07 -13.46
CA SER A 471 -19.99 12.13 -13.93
C SER A 471 -19.20 13.20 -14.65
N SER A 472 -19.84 13.80 -15.66
CA SER A 472 -19.21 14.79 -16.50
C SER A 472 -20.17 15.75 -17.18
N TRP A 473 -21.47 15.53 -17.04
CA TRP A 473 -22.46 16.37 -17.74
C TRP A 473 -23.50 16.95 -16.78
N PRO A 474 -23.09 17.77 -15.80
CA PRO A 474 -21.73 18.12 -15.39
C PRO A 474 -21.12 17.14 -14.37
N ALA A 475 -19.82 17.23 -14.14
CA ALA A 475 -19.24 16.50 -13.03
C ALA A 475 -19.99 16.95 -11.77
N ARG A 476 -20.31 16.01 -10.90
CA ARG A 476 -21.17 16.31 -9.77
C ARG A 476 -21.11 15.21 -8.72
N LEU A 477 -21.67 15.51 -7.55
CA LEU A 477 -21.60 14.68 -6.36
C LEU A 477 -23.02 14.28 -5.99
N ILE A 478 -23.22 13.01 -5.67
CA ILE A 478 -24.53 12.54 -5.19
C ILE A 478 -24.32 11.90 -3.83
N LYS A 479 -25.10 12.32 -2.84
CA LYS A 479 -24.95 11.83 -1.48
C LYS A 479 -25.61 10.48 -1.24
N ASP A 480 -26.88 10.36 -1.64
CA ASP A 480 -27.63 9.16 -1.31
C ASP A 480 -27.52 8.08 -2.37
N LEU A 481 -26.31 7.56 -2.56
CA LEU A 481 -26.08 6.57 -3.61
C LEU A 481 -26.32 5.17 -3.06
N SER A 482 -27.00 4.32 -3.82
CA SER A 482 -27.10 2.91 -3.47
C SER A 482 -27.25 2.07 -4.72
N TYR A 483 -27.09 0.76 -4.57
CA TYR A 483 -27.41 -0.16 -5.65
C TYR A 483 -27.98 -1.44 -5.05
N ASN A 484 -28.65 -2.21 -5.90
CA ASN A 484 -29.33 -3.43 -5.48
C ASN A 484 -28.75 -4.66 -6.17
N TYR A 485 -28.70 -5.76 -5.43
CA TYR A 485 -28.35 -7.05 -6.00
C TYR A 485 -29.58 -7.95 -5.92
N TYR A 486 -30.09 -8.38 -7.09
CA TYR A 486 -31.34 -9.12 -7.14
C TYR A 486 -31.07 -10.59 -7.30
N MET A 487 -31.82 -11.39 -6.54
CA MET A 487 -31.73 -12.83 -6.61
C MET A 487 -33.12 -13.43 -6.78
N ASP A 488 -33.13 -14.61 -7.38
CA ASP A 488 -34.28 -15.51 -7.38
C ASP A 488 -34.00 -16.60 -6.34
N LEU A 489 -34.82 -16.71 -5.30
CA LEU A 489 -34.62 -17.74 -4.28
C LEU A 489 -35.48 -19.00 -4.44
N THR A 490 -36.05 -19.19 -5.63
CA THR A 490 -36.85 -20.40 -5.89
C THR A 490 -36.20 -21.70 -5.43
N GLU A 491 -34.93 -21.90 -5.79
CA GLU A 491 -34.24 -23.16 -5.46
C GLU A 491 -34.06 -23.36 -3.96
N VAL A 492 -34.04 -22.26 -3.22
CA VAL A 492 -33.86 -22.26 -1.78
C VAL A 492 -35.10 -22.86 -1.15
N PHE A 493 -36.26 -22.28 -1.45
CA PHE A 493 -37.56 -22.76 -0.98
C PHE A 493 -37.86 -24.19 -1.43
N GLU A 494 -37.62 -24.51 -2.69
CA GLU A 494 -37.81 -25.88 -3.17
C GLU A 494 -36.98 -26.92 -2.41
N ALA A 495 -35.83 -26.50 -1.89
CA ALA A 495 -35.00 -27.40 -1.09
C ALA A 495 -35.37 -27.43 0.39
N GLY A 496 -36.39 -26.67 0.79
CA GLY A 496 -36.88 -26.72 2.17
C GLY A 496 -36.35 -25.63 3.07
N TYR A 497 -35.55 -24.72 2.53
CA TYR A 497 -34.89 -23.69 3.34
C TYR A 497 -35.62 -22.36 3.27
N SER A 498 -35.31 -21.45 4.18
CA SER A 498 -35.94 -20.14 4.16
C SER A 498 -34.94 -19.00 3.95
N VAL A 499 -35.46 -17.78 3.82
CA VAL A 499 -34.64 -16.59 3.64
C VAL A 499 -33.67 -16.45 4.80
N ASP A 500 -34.09 -16.86 5.99
CA ASP A 500 -33.23 -16.70 7.16
C ASP A 500 -32.05 -17.68 7.23
N ASP A 501 -32.03 -18.66 6.34
CA ASP A 501 -30.90 -19.56 6.15
C ASP A 501 -29.83 -18.96 5.22
N ILE A 502 -30.12 -17.84 4.59
CA ILE A 502 -29.17 -17.21 3.67
C ILE A 502 -28.44 -16.07 4.40
N LYS A 503 -27.11 -16.13 4.44
CA LYS A 503 -26.32 -15.19 5.23
C LYS A 503 -25.52 -14.22 4.35
N VAL A 504 -25.58 -12.94 4.69
CA VAL A 504 -24.84 -11.90 3.98
C VAL A 504 -23.65 -11.46 4.81
N THR A 505 -22.45 -11.58 4.23
CA THR A 505 -21.24 -11.14 4.90
C THR A 505 -20.47 -10.21 3.96
N ILE A 506 -19.40 -9.63 4.48
CA ILE A 506 -18.54 -8.72 3.72
C ILE A 506 -17.11 -9.25 3.77
N GLY A 507 -16.46 -9.30 2.62
CA GLY A 507 -15.07 -9.75 2.58
C GLY A 507 -14.07 -8.63 2.44
N TYR A 508 -14.55 -7.42 2.13
CA TYR A 508 -13.73 -6.21 1.96
C TYR A 508 -14.63 -4.99 1.78
N CYS A 509 -14.30 -3.90 2.48
CA CYS A 509 -15.01 -2.63 2.35
C CYS A 509 -13.96 -1.55 2.35
N GLU A 510 -13.89 -0.83 1.24
CA GLU A 510 -12.87 0.19 1.05
C GLU A 510 -12.88 1.21 2.16
N SER A 511 -11.70 1.52 2.69
CA SER A 511 -11.54 2.51 3.74
C SER A 511 -12.15 3.88 3.46
N GLY A 512 -12.89 4.40 4.45
CA GLY A 512 -13.45 5.74 4.36
C GLY A 512 -14.77 5.85 3.61
N MET A 513 -15.31 4.72 3.18
CA MET A 513 -16.59 4.71 2.47
C MET A 513 -17.67 4.12 3.39
N ASP A 514 -18.30 4.98 4.19
CA ASP A 514 -19.36 4.61 5.13
C ASP A 514 -20.49 3.91 4.39
N VAL A 515 -20.69 2.63 4.66
CA VAL A 515 -21.60 1.81 3.88
C VAL A 515 -22.49 0.96 4.76
N GLU A 516 -23.70 0.72 4.31
CA GLU A 516 -24.49 -0.33 4.93
C GLU A 516 -25.11 -1.24 3.88
N ILE A 517 -25.51 -2.42 4.32
CA ILE A 517 -26.17 -3.37 3.42
C ILE A 517 -27.45 -3.80 4.11
N SER A 518 -28.56 -3.71 3.41
CA SER A 518 -29.87 -4.06 3.92
C SER A 518 -29.93 -5.56 4.20
N PRO A 519 -30.88 -5.98 5.06
CA PRO A 519 -31.19 -7.41 5.11
C PRO A 519 -31.72 -7.85 3.75
N ILE A 520 -31.77 -9.15 3.48
CA ILE A 520 -32.36 -9.61 2.22
C ILE A 520 -33.84 -9.23 2.20
N THR A 521 -34.27 -8.59 1.12
CA THR A 521 -35.59 -7.95 1.07
C THR A 521 -36.40 -8.49 -0.09
N HIS A 522 -37.68 -8.77 0.20
CA HIS A 522 -38.64 -9.24 -0.81
C HIS A 522 -39.02 -8.17 -1.82
N LEU A 523 -38.91 -8.51 -3.09
CA LEU A 523 -39.43 -7.66 -4.17
C LEU A 523 -40.83 -8.15 -4.51
N TYR A 524 -40.92 -9.26 -5.23
CA TYR A 524 -42.20 -9.91 -5.54
C TYR A 524 -41.88 -11.36 -5.88
N ASP A 525 -42.91 -12.22 -5.86
CA ASP A 525 -42.73 -13.66 -6.04
C ASP A 525 -41.54 -14.20 -5.24
N ASN A 526 -40.63 -14.93 -5.89
CA ASN A 526 -39.42 -15.43 -5.23
C ASN A 526 -38.20 -14.56 -5.53
N ILE A 527 -38.43 -13.33 -6.00
CA ILE A 527 -37.35 -12.38 -6.23
C ILE A 527 -37.04 -11.61 -4.96
N TYR A 528 -35.76 -11.58 -4.58
CA TYR A 528 -35.29 -10.84 -3.40
C TYR A 528 -34.07 -9.96 -3.72
N TYR A 529 -33.75 -9.02 -2.83
CA TYR A 529 -32.57 -8.18 -3.05
C TYR A 529 -31.90 -7.67 -1.78
N ILE A 530 -30.66 -7.23 -1.96
CA ILE A 530 -30.00 -6.52 -0.88
C ILE A 530 -29.60 -5.20 -1.48
N LYS A 531 -29.66 -4.17 -0.66
CA LYS A 531 -29.34 -2.83 -1.10
C LYS A 531 -28.07 -2.46 -0.36
N ILE A 532 -27.09 -2.06 -1.17
CA ILE A 532 -25.85 -1.52 -0.69
C ILE A 532 -25.99 0.00 -0.70
N SER A 533 -25.89 0.63 0.46
CA SER A 533 -26.05 2.09 0.54
C SER A 533 -24.86 2.80 1.12
N TYR A 534 -24.39 3.82 0.39
CA TYR A 534 -23.30 4.66 0.87
C TYR A 534 -23.90 5.89 1.52
N ILE A 535 -23.64 6.05 2.82
CA ILE A 535 -24.24 7.12 3.61
C ILE A 535 -23.80 8.48 3.10
N ASP A 536 -22.50 8.67 2.89
CA ASP A 536 -22.03 9.90 2.25
C ASP A 536 -21.44 9.59 0.87
N GLY A 537 -22.30 9.40 -0.14
CA GLY A 537 -21.84 9.07 -1.47
C GLY A 537 -21.00 10.14 -2.17
N THR A 538 -20.92 11.33 -1.60
CA THR A 538 -20.11 12.39 -2.23
C THR A 538 -18.63 12.04 -2.20
N ASN A 539 -18.29 11.06 -1.36
CA ASN A 539 -16.95 10.52 -1.33
C ASN A 539 -16.67 9.59 -2.52
N ILE A 540 -17.70 9.20 -3.27
CA ILE A 540 -17.46 8.59 -4.58
C ILE A 540 -17.52 9.78 -5.53
N CYS A 541 -16.35 10.12 -6.05
CA CYS A 541 -16.18 11.31 -6.87
C CYS A 541 -14.95 11.19 -7.78
N PRO A 542 -15.03 11.79 -8.98
CA PRO A 542 -14.03 11.61 -10.04
C PRO A 542 -12.80 12.49 -9.86
N ILE A 543 -12.14 12.34 -8.71
CA ILE A 543 -11.02 13.21 -8.40
C ILE A 543 -9.70 12.45 -8.34
N GLY A 544 -9.72 11.16 -8.66
CA GLY A 544 -8.51 10.35 -8.51
C GLY A 544 -8.76 8.86 -8.58
N GLN A 545 -7.68 8.09 -8.50
CA GLN A 545 -7.72 6.67 -8.80
C GLN A 545 -8.46 5.90 -7.72
N GLU A 546 -8.32 6.35 -6.48
CA GLU A 546 -9.01 5.73 -5.36
C GLU A 546 -10.45 6.21 -5.20
N GLN A 547 -10.73 7.45 -5.60
CA GLN A 547 -11.99 8.08 -5.23
C GLN A 547 -13.17 7.81 -6.16
N TYR A 548 -12.92 7.62 -7.45
CA TYR A 548 -14.01 7.58 -8.42
C TYR A 548 -14.92 6.37 -8.26
N ALA A 549 -14.44 5.36 -7.55
CA ALA A 549 -15.30 4.23 -7.20
C ALA A 549 -15.09 3.70 -5.78
N ALA A 550 -16.16 3.19 -5.16
CA ALA A 550 -16.11 2.48 -3.88
C ALA A 550 -16.17 0.97 -4.11
N GLU A 551 -15.18 0.25 -3.60
CA GLU A 551 -15.11 -1.21 -3.75
C GLU A 551 -15.73 -1.87 -2.53
N LEU A 552 -16.59 -2.85 -2.79
CA LEU A 552 -17.16 -3.70 -1.76
C LEU A 552 -17.14 -5.13 -2.23
N GLN A 553 -16.69 -6.04 -1.37
CA GLN A 553 -16.83 -7.46 -1.64
C GLN A 553 -17.85 -8.07 -0.68
N PHE A 554 -18.94 -8.59 -1.22
CA PHE A 554 -19.97 -9.17 -0.39
C PHE A 554 -20.29 -10.59 -0.82
N ARG A 555 -20.71 -11.40 0.14
CA ARG A 555 -20.99 -12.81 -0.06
C ARG A 555 -22.41 -13.12 0.38
N ILE A 556 -23.11 -13.91 -0.41
CA ILE A 556 -24.49 -14.28 -0.10
C ILE A 556 -24.43 -15.79 -0.11
N ALA A 557 -24.70 -16.39 1.04
CA ALA A 557 -24.34 -17.79 1.25
C ALA A 557 -25.47 -18.60 1.88
N ALA A 558 -25.78 -19.73 1.27
CA ALA A 558 -26.58 -20.78 1.89
C ALA A 558 -25.66 -21.53 2.88
N PRO A 559 -26.24 -22.34 3.78
CA PRO A 559 -25.34 -22.97 4.76
C PRO A 559 -24.22 -23.80 4.13
N GLN A 560 -23.06 -23.80 4.78
CA GLN A 560 -21.97 -24.67 4.37
C GLN A 560 -22.47 -26.11 4.32
N GLY A 561 -22.23 -26.80 3.21
CA GLY A 561 -22.68 -28.18 3.07
C GLY A 561 -23.86 -28.41 2.15
N THR A 562 -24.69 -27.38 1.97
CA THR A 562 -25.85 -27.47 1.09
C THR A 562 -25.44 -27.41 -0.36
N LYS A 563 -26.32 -27.92 -1.23
CA LYS A 563 -26.01 -28.09 -2.65
C LYS A 563 -27.01 -27.40 -3.60
N PHE A 564 -28.00 -26.71 -3.05
CA PHE A 564 -29.05 -26.07 -3.88
C PHE A 564 -28.71 -24.72 -4.51
N TRP A 565 -27.82 -23.95 -3.91
CA TRP A 565 -27.65 -22.54 -4.30
C TRP A 565 -27.47 -22.41 -5.81
N ASP A 566 -28.32 -21.60 -6.43
CA ASP A 566 -28.24 -21.44 -7.89
C ASP A 566 -28.23 -19.96 -8.27
N PRO A 567 -27.04 -19.44 -8.59
CA PRO A 567 -26.94 -18.06 -9.06
C PRO A 567 -27.38 -17.86 -10.51
N THR A 568 -27.43 -18.92 -11.32
CA THR A 568 -27.73 -18.79 -12.76
C THR A 568 -29.14 -18.25 -13.05
N ASN A 569 -30.02 -18.27 -12.05
CA ASN A 569 -31.34 -17.64 -12.17
C ASN A 569 -31.48 -16.30 -11.45
N ASP A 570 -30.37 -15.76 -10.94
CA ASP A 570 -30.42 -14.48 -10.24
C ASP A 570 -30.26 -13.33 -11.23
N PHE A 571 -31.24 -12.43 -11.26
CA PHE A 571 -31.23 -11.25 -12.12
C PHE A 571 -29.87 -10.54 -12.13
N SER A 572 -29.28 -10.30 -10.98
CA SER A 572 -28.06 -9.50 -10.93
C SER A 572 -26.78 -10.27 -11.29
N TYR A 573 -26.88 -11.59 -11.40
CA TYR A 573 -25.75 -12.43 -11.82
C TYR A 573 -25.57 -12.48 -13.32
N GLN A 574 -26.63 -12.14 -14.06
CA GLN A 574 -26.65 -12.25 -15.52
C GLN A 574 -25.48 -11.50 -16.11
N GLY A 575 -24.67 -12.20 -16.90
CA GLY A 575 -23.56 -11.61 -17.62
C GLY A 575 -22.25 -11.42 -16.87
N LEU A 576 -22.23 -11.75 -15.58
CA LEU A 576 -21.04 -11.48 -14.77
C LEU A 576 -20.02 -12.55 -15.09
N THR A 577 -18.76 -12.13 -15.14
CA THR A 577 -17.64 -13.06 -15.26
C THR A 577 -16.68 -12.83 -14.10
N ARG A 578 -15.51 -13.43 -14.22
CA ARG A 578 -14.47 -13.27 -13.21
C ARG A 578 -13.69 -11.95 -13.34
N GLU A 579 -13.98 -11.17 -14.39
CA GLU A 579 -13.37 -9.85 -14.57
C GLU A 579 -14.40 -8.75 -14.33
N LEU A 580 -13.94 -7.64 -13.76
CA LEU A 580 -14.77 -6.46 -13.55
C LEU A 580 -15.30 -5.92 -14.87
N ALA A 581 -16.61 -5.68 -14.90
CA ALA A 581 -17.28 -5.05 -16.02
C ALA A 581 -18.50 -4.29 -15.54
N LYS A 582 -18.77 -3.15 -16.16
CA LYS A 582 -20.06 -2.47 -15.99
C LYS A 582 -21.22 -3.44 -16.15
N THR A 583 -22.19 -3.35 -15.25
CA THR A 583 -23.39 -4.17 -15.37
C THR A 583 -24.63 -3.29 -15.17
N LYS A 584 -25.61 -3.48 -16.05
CA LYS A 584 -26.89 -2.79 -15.94
C LYS A 584 -27.84 -3.49 -14.98
N TYR A 585 -27.51 -4.73 -14.59
CA TYR A 585 -28.42 -5.51 -13.76
C TYR A 585 -28.19 -5.36 -12.27
N MET A 586 -27.31 -4.42 -11.92
CA MET A 586 -27.15 -4.00 -10.53
C MET A 586 -27.42 -2.49 -10.52
N PRO A 587 -28.71 -2.11 -10.59
CA PRO A 587 -29.07 -0.71 -10.85
C PRO A 587 -28.62 0.23 -9.74
N VAL A 588 -28.29 1.45 -10.11
CA VAL A 588 -27.88 2.48 -9.16
C VAL A 588 -29.02 3.44 -8.91
N PHE A 589 -29.14 3.89 -7.65
CA PHE A 589 -30.19 4.79 -7.22
C PHE A 589 -29.62 6.05 -6.56
N ASP A 590 -30.28 7.18 -6.79
CA ASP A 590 -30.05 8.40 -6.02
C ASP A 590 -31.30 8.62 -5.17
N GLY A 591 -31.16 8.46 -3.85
CA GLY A 591 -32.33 8.30 -3.00
C GLY A 591 -33.20 7.21 -3.60
N ALA A 592 -34.47 7.53 -3.86
CA ALA A 592 -35.43 6.54 -4.39
C ALA A 592 -35.48 6.45 -5.92
N THR A 593 -34.75 7.32 -6.60
CA THR A 593 -34.73 7.41 -8.06
C THR A 593 -33.66 6.52 -8.70
N LYS A 594 -34.08 5.60 -9.57
CA LYS A 594 -33.16 4.78 -10.35
C LYS A 594 -32.41 5.63 -11.38
N ILE A 595 -31.09 5.76 -11.27
CA ILE A 595 -30.33 6.60 -12.20
C ILE A 595 -29.57 5.79 -13.25
N PHE A 596 -29.52 4.48 -13.07
CA PHE A 596 -28.86 3.64 -14.04
C PHE A 596 -29.27 2.18 -13.81
N GLY A 597 -29.47 1.46 -14.91
CA GLY A 597 -29.69 0.03 -14.87
C GLY A 597 -31.13 -0.42 -14.98
N GLU A 598 -31.35 -1.73 -14.85
CA GLU A 598 -32.67 -2.32 -14.97
C GLU A 598 -33.05 -3.04 -13.68
N VAL A 599 -34.34 -3.23 -13.47
CA VAL A 599 -34.88 -3.90 -12.29
C VAL A 599 -35.69 -5.10 -12.80
N PRO A 600 -35.79 -6.20 -12.02
CA PRO A 600 -36.61 -7.31 -12.51
C PRO A 600 -38.07 -6.88 -12.62
N GLY A 601 -38.70 -7.23 -13.73
CA GLY A 601 -40.08 -6.84 -13.97
C GLY A 601 -40.25 -5.34 -14.12
N GLY A 602 -39.70 -4.80 -15.20
CA GLY A 602 -39.86 -3.39 -15.56
C GLY A 602 -39.26 -3.16 -16.94
N SER B 4 30.81 -27.94 41.81
CA SER B 4 30.76 -28.29 40.36
C SER B 4 29.39 -27.89 39.81
N TYR B 5 28.72 -28.81 39.12
CA TYR B 5 27.40 -28.51 38.58
C TYR B 5 26.42 -29.57 39.06
N ASN B 6 25.12 -29.26 39.02
CA ASN B 6 24.14 -30.31 39.21
C ASN B 6 23.90 -30.96 37.84
N TYR B 7 24.68 -31.99 37.57
CA TYR B 7 24.58 -32.74 36.33
C TYR B 7 23.22 -33.42 36.14
N ALA B 8 22.53 -33.77 37.24
CA ALA B 8 21.22 -34.39 37.08
C ALA B 8 20.21 -33.37 36.56
N GLU B 9 20.25 -32.15 37.11
CA GLU B 9 19.38 -31.09 36.63
C GLU B 9 19.66 -30.74 35.18
N ALA B 10 20.94 -30.76 34.81
CA ALA B 10 21.29 -30.43 33.44
C ALA B 10 20.74 -31.50 32.50
N LEU B 11 20.83 -32.78 32.88
CA LEU B 11 20.28 -33.88 32.07
C LEU B 11 18.75 -33.79 31.93
N GLN B 12 18.06 -33.64 33.06
CA GLN B 12 16.64 -33.36 33.11
C GLN B 12 16.23 -32.34 32.04
N LYS B 13 16.86 -31.17 32.05
CA LYS B 13 16.56 -30.12 31.10
C LYS B 13 16.96 -30.51 29.68
N ALA B 14 18.19 -31.00 29.50
CA ALA B 14 18.67 -31.46 28.19
C ALA B 14 17.73 -32.45 27.48
N ILE B 15 17.04 -33.31 28.24
CA ILE B 15 16.05 -34.23 27.71
C ILE B 15 14.74 -33.52 27.35
N TYR B 16 14.28 -32.62 28.23
CA TYR B 16 13.06 -31.82 28.06
C TYR B 16 13.09 -31.07 26.73
N PHE B 17 14.27 -30.63 26.34
CA PHE B 17 14.46 -29.90 25.10
C PHE B 17 13.81 -30.64 23.95
N TYR B 18 13.93 -31.97 23.92
CA TYR B 18 13.37 -32.75 22.84
C TYR B 18 11.85 -32.67 22.83
N GLU B 19 11.23 -32.58 24.00
CA GLU B 19 9.77 -32.33 24.07
C GLU B 19 9.33 -31.00 23.42
N CYS B 20 10.17 -29.98 23.51
CA CYS B 20 9.95 -28.71 22.82
C CYS B 20 9.99 -28.83 21.29
N GLN B 21 10.67 -29.86 20.78
CA GLN B 21 10.90 -30.07 19.35
C GLN B 21 9.90 -31.01 18.70
N GLN B 22 8.95 -31.56 19.47
CA GLN B 22 8.06 -32.59 18.93
C GLN B 22 7.04 -32.04 17.91
N ALA B 23 6.98 -32.65 16.72
CA ALA B 23 5.84 -32.39 15.80
C ALA B 23 4.58 -33.13 16.26
N GLY B 24 3.43 -32.69 15.76
CA GLY B 24 2.16 -33.28 16.17
C GLY B 24 1.97 -34.62 15.46
N PRO B 25 1.16 -35.50 16.06
CA PRO B 25 0.46 -35.26 17.33
C PRO B 25 1.37 -35.39 18.56
N LEU B 26 1.27 -34.48 19.53
CA LEU B 26 2.04 -34.64 20.75
C LEU B 26 1.58 -35.86 21.55
N PRO B 27 2.53 -36.52 22.23
CA PRO B 27 2.17 -37.57 23.17
C PRO B 27 1.53 -36.93 24.39
N GLU B 28 0.68 -37.71 25.06
CA GLU B 28 -0.05 -37.23 26.23
C GLU B 28 0.91 -36.80 27.31
N TRP B 29 2.11 -37.38 27.32
CA TRP B 29 3.11 -37.06 28.34
C TRP B 29 3.94 -35.80 28.05
N ASN B 30 3.75 -35.16 26.89
CA ASN B 30 4.49 -33.92 26.62
C ASN B 30 4.35 -32.88 27.75
N ARG B 31 5.46 -32.37 28.26
CA ARG B 31 5.45 -31.48 29.42
C ARG B 31 5.53 -29.99 29.09
N VAL B 32 5.44 -29.66 27.82
CA VAL B 32 5.64 -28.29 27.35
C VAL B 32 4.32 -27.53 27.14
N GLU B 33 4.00 -26.61 28.04
CA GLU B 33 2.69 -25.96 28.06
C GLU B 33 2.49 -25.07 26.83
N TRP B 34 3.59 -24.60 26.25
CA TRP B 34 3.50 -23.76 25.05
C TRP B 34 3.63 -24.52 23.71
N ARG B 35 3.46 -25.84 23.76
CA ARG B 35 3.47 -26.64 22.53
C ARG B 35 2.15 -27.38 22.38
N GLY B 36 1.59 -27.36 21.17
CA GLY B 36 0.35 -28.09 20.91
C GLY B 36 0.60 -28.93 19.66
N ASP B 37 -0.42 -29.64 19.21
CA ASP B 37 -0.29 -30.41 17.98
C ASP B 37 -0.04 -29.40 16.86
N ALA B 38 0.96 -29.70 16.05
CA ALA B 38 1.37 -28.82 14.97
C ALA B 38 1.66 -29.71 13.77
N THR B 39 1.67 -29.10 12.60
CA THR B 39 2.03 -29.75 11.34
C THR B 39 1.29 -31.08 11.17
N MET B 40 0.02 -31.06 11.58
CA MET B 40 -0.82 -32.24 11.53
C MET B 40 -1.14 -32.70 10.10
N ASN B 41 -0.98 -31.82 9.11
CA ASN B 41 -1.09 -32.26 7.72
C ASN B 41 0.18 -32.82 7.10
N ASP B 42 1.23 -33.05 7.88
CA ASP B 42 2.47 -33.57 7.33
C ASP B 42 2.23 -34.98 6.79
N GLU B 43 2.93 -35.32 5.72
CA GLU B 43 2.88 -36.67 5.13
C GLU B 43 3.30 -37.74 6.12
N VAL B 44 4.25 -37.45 7.02
CA VAL B 44 4.59 -38.34 8.15
C VAL B 44 4.48 -37.53 9.45
N LEU B 45 3.71 -38.05 10.40
CA LEU B 45 3.45 -37.34 11.64
C LEU B 45 4.51 -37.65 12.69
N GLY B 46 4.54 -36.87 13.76
CA GLY B 46 5.47 -37.07 14.86
C GLY B 46 6.89 -36.75 14.43
N GLY B 47 7.87 -37.24 15.19
CA GLY B 47 9.27 -36.87 14.95
C GLY B 47 9.58 -35.48 15.48
N TRP B 48 10.81 -35.02 15.25
CA TRP B 48 11.28 -33.74 15.76
C TRP B 48 11.52 -32.71 14.67
N TYR B 49 11.13 -31.46 14.96
CA TYR B 49 11.68 -30.35 14.20
C TYR B 49 13.17 -30.35 14.48
N ASP B 50 13.97 -29.97 13.48
CA ASP B 50 15.40 -30.15 13.57
C ASP B 50 16.05 -29.17 14.55
N ALA B 51 15.74 -27.89 14.41
CA ALA B 51 16.54 -26.90 15.11
C ALA B 51 15.58 -25.85 15.68
N GLY B 52 15.81 -24.60 15.32
CA GLY B 52 14.91 -23.48 15.67
C GLY B 52 13.93 -23.27 14.54
N ASP B 53 13.85 -24.25 13.65
CA ASP B 53 12.95 -24.23 12.48
C ASP B 53 11.87 -25.31 12.57
N HIS B 54 11.18 -25.61 11.46
CA HIS B 54 10.11 -26.58 11.50
C HIS B 54 10.24 -27.66 10.41
N VAL B 55 11.44 -27.80 9.85
CA VAL B 55 11.73 -28.85 8.86
C VAL B 55 12.03 -30.15 9.60
N LYS B 56 11.53 -31.29 9.11
CA LYS B 56 11.98 -32.57 9.60
C LYS B 56 13.05 -33.07 8.65
N PHE B 57 14.28 -33.05 9.15
CA PHE B 57 15.46 -33.47 8.38
C PHE B 57 15.87 -34.84 8.94
N ASN B 58 15.66 -35.93 8.19
CA ASN B 58 15.87 -37.26 8.77
C ASN B 58 17.29 -37.68 9.14
N LEU B 59 18.30 -37.23 8.40
CA LEU B 59 19.71 -37.43 8.77
C LEU B 59 20.08 -36.93 10.20
N PRO B 60 20.00 -35.62 10.47
CA PRO B 60 20.32 -35.22 11.86
C PRO B 60 19.29 -35.72 12.89
N MET B 61 18.03 -35.86 12.49
CA MET B 61 17.03 -36.51 13.36
C MET B 61 17.37 -37.94 13.77
N ALA B 62 17.71 -38.79 12.80
CA ALA B 62 18.07 -40.17 13.08
C ALA B 62 19.39 -40.23 13.85
N TYR B 63 20.37 -39.44 13.41
CA TYR B 63 21.61 -39.28 14.19
C TYR B 63 21.31 -39.00 15.65
N SER B 64 20.47 -38.01 15.90
CA SER B 64 20.22 -37.59 17.28
C SER B 64 19.58 -38.74 18.07
N ALA B 65 18.65 -39.46 17.47
CA ALA B 65 18.01 -40.58 18.16
C ALA B 65 19.01 -41.71 18.43
N ALA B 66 19.88 -41.97 17.47
CA ALA B 66 20.93 -42.99 17.64
C ALA B 66 21.83 -42.64 18.81
N MET B 67 22.15 -41.35 18.95
CA MET B 67 22.98 -40.92 20.07
C MET B 67 22.24 -41.01 21.39
N LEU B 68 20.94 -40.74 21.38
CA LEU B 68 20.15 -40.95 22.60
C LEU B 68 20.08 -42.42 23.03
N GLY B 69 19.91 -43.31 22.06
CA GLY B 69 19.92 -44.74 22.30
C GLY B 69 21.29 -45.19 22.81
N TRP B 70 22.36 -44.65 22.24
CA TRP B 70 23.72 -44.90 22.71
C TRP B 70 23.88 -44.49 24.17
N ALA B 71 23.38 -43.32 24.55
CA ALA B 71 23.40 -42.93 25.96
C ALA B 71 22.74 -43.96 26.87
N LEU B 72 21.55 -44.42 26.50
CA LEU B 72 20.84 -45.44 27.28
C LEU B 72 21.61 -46.76 27.33
N TYR B 73 22.28 -47.07 26.22
CA TYR B 73 23.01 -48.33 26.07
C TYR B 73 24.24 -48.39 26.98
N GLU B 74 24.93 -47.27 27.07
CA GLU B 74 26.06 -47.12 27.99
C GLU B 74 25.64 -46.95 29.44
N TYR B 75 24.68 -46.06 29.70
CA TYR B 75 24.52 -45.52 31.05
C TYR B 75 23.09 -45.52 31.57
N GLY B 76 22.18 -46.19 30.88
CA GLY B 76 20.79 -46.25 31.28
C GLY B 76 20.59 -46.76 32.70
N ASP B 77 21.35 -47.78 33.10
CA ASP B 77 21.21 -48.33 34.46
C ASP B 77 21.80 -47.34 35.46
N ASP B 78 22.84 -46.64 35.02
CA ASP B 78 23.59 -45.74 35.88
C ASP B 78 22.85 -44.45 36.18
N ILE B 79 21.81 -44.12 35.41
CA ILE B 79 21.02 -42.90 35.63
C ILE B 79 19.67 -43.08 36.32
N GLU B 80 19.39 -44.27 36.85
CA GLU B 80 18.10 -44.49 37.54
C GLU B 80 17.90 -43.54 38.72
N ALA B 81 18.97 -43.28 39.46
CA ALA B 81 18.94 -42.37 40.61
C ALA B 81 18.36 -41.00 40.26
N SER B 82 18.73 -40.48 39.10
CA SER B 82 18.37 -39.13 38.67
C SER B 82 16.90 -39.02 38.28
N GLY B 83 16.25 -40.18 38.14
CA GLY B 83 14.85 -40.26 37.73
C GLY B 83 14.62 -39.91 36.27
N GLN B 84 15.67 -39.82 35.47
CA GLN B 84 15.57 -39.33 34.10
C GLN B 84 15.52 -40.46 33.08
N ARG B 85 15.71 -41.70 33.52
CA ARG B 85 15.74 -42.78 32.56
C ARG B 85 14.45 -42.91 31.75
N LEU B 86 13.30 -42.86 32.42
CA LEU B 86 12.04 -42.99 31.68
C LEU B 86 11.76 -41.82 30.75
N HIS B 87 12.13 -40.61 31.16
CA HIS B 87 12.01 -39.47 30.27
C HIS B 87 12.79 -39.65 28.97
N LEU B 88 14.04 -40.10 29.09
CA LEU B 88 14.91 -40.30 27.94
C LEU B 88 14.38 -41.40 27.02
N GLU B 89 13.91 -42.49 27.63
CA GLU B 89 13.35 -43.62 26.89
C GLU B 89 12.12 -43.25 26.05
N ARG B 90 11.13 -42.62 26.66
CA ARG B 90 9.94 -42.26 25.88
C ARG B 90 10.24 -41.16 24.86
N ASN B 91 11.17 -40.26 25.17
CA ASN B 91 11.50 -39.20 24.20
C ASN B 91 12.15 -39.81 22.95
N LEU B 92 12.98 -40.82 23.17
CA LEU B 92 13.61 -41.56 22.09
C LEU B 92 12.62 -42.39 21.25
N ALA B 93 11.70 -43.13 21.86
CA ALA B 93 10.66 -43.87 21.12
C ALA B 93 9.86 -42.94 20.21
N PHE B 94 9.58 -41.72 20.68
CA PHE B 94 8.84 -40.77 19.90
C PHE B 94 9.51 -40.57 18.53
N ALA B 95 10.83 -40.40 18.52
CA ALA B 95 11.54 -40.20 17.25
C ALA B 95 11.63 -41.49 16.43
N LEU B 96 11.87 -42.63 17.09
CA LEU B 96 11.98 -43.91 16.40
C LEU B 96 10.68 -44.32 15.72
N ASP B 97 9.57 -44.10 16.40
CA ASP B 97 8.25 -44.25 15.78
C ASP B 97 8.13 -43.45 14.48
N TYR B 98 8.66 -42.23 14.45
CA TYR B 98 8.66 -41.43 13.22
C TYR B 98 9.47 -42.12 12.13
N LEU B 99 10.64 -42.65 12.52
CA LEU B 99 11.51 -43.28 11.52
C LEU B 99 10.86 -44.51 10.88
N VAL B 100 10.09 -45.27 11.66
CA VAL B 100 9.36 -46.46 11.20
C VAL B 100 8.25 -45.98 10.26
N ALA B 101 7.59 -44.90 10.67
CA ALA B 101 6.48 -44.34 9.91
C ALA B 101 6.93 -43.78 8.56
N CYS B 102 8.22 -43.49 8.38
CA CYS B 102 8.70 -43.02 7.08
C CYS B 102 8.81 -44.11 6.00
N ASP B 103 8.58 -45.35 6.39
CA ASP B 103 8.79 -46.47 5.45
C ASP B 103 7.90 -46.34 4.22
N ARG B 104 8.46 -46.39 3.02
CA ARG B 104 7.63 -46.50 1.81
C ARG B 104 7.95 -47.70 0.90
N GLY B 105 8.53 -48.76 1.45
CA GLY B 105 8.70 -49.98 0.67
C GLY B 105 10.06 -49.95 -0.01
N ASP B 106 10.12 -49.39 -1.22
CA ASP B 106 11.37 -49.31 -1.94
C ASP B 106 12.16 -48.02 -1.62
N SER B 107 11.68 -47.25 -0.65
CA SER B 107 12.28 -45.95 -0.35
C SER B 107 11.70 -45.47 0.97
N VAL B 108 12.10 -44.29 1.43
CA VAL B 108 11.52 -43.70 2.63
C VAL B 108 11.19 -42.22 2.43
N VAL B 109 10.27 -41.71 3.23
CA VAL B 109 10.17 -40.26 3.36
C VAL B 109 11.40 -39.81 4.15
N TYR B 110 12.24 -38.94 3.57
CA TYR B 110 13.42 -38.49 4.29
C TYR B 110 13.41 -37.02 4.70
N GLN B 111 12.34 -36.29 4.39
CA GLN B 111 12.28 -34.87 4.75
C GLN B 111 10.84 -34.42 4.74
N ILE B 112 10.44 -33.54 5.65
CA ILE B 112 9.16 -32.87 5.58
C ILE B 112 9.45 -31.40 5.71
N GLY B 113 9.01 -30.62 4.73
CA GLY B 113 9.31 -29.18 4.70
C GLY B 113 10.35 -28.81 3.65
N ASP B 114 10.12 -27.69 2.97
CA ASP B 114 11.10 -27.09 2.07
C ASP B 114 11.88 -26.13 2.97
N GLY B 115 13.17 -26.39 3.14
CA GLY B 115 13.98 -25.59 4.04
C GLY B 115 14.00 -24.10 3.76
N ALA B 116 14.05 -23.71 2.49
CA ALA B 116 14.09 -22.27 2.18
C ALA B 116 12.82 -21.56 2.64
N ALA B 117 11.68 -22.14 2.29
CA ALA B 117 10.39 -21.50 2.64
C ALA B 117 10.12 -21.53 4.16
N ASP B 118 10.50 -22.63 4.81
CA ASP B 118 10.37 -22.79 6.26
C ASP B 118 11.20 -21.70 6.93
N HIS B 119 12.42 -21.48 6.44
CA HIS B 119 13.35 -20.56 7.09
C HIS B 119 13.04 -19.09 6.86
N LYS B 120 12.35 -18.82 5.75
CA LYS B 120 11.91 -17.48 5.37
C LYS B 120 10.88 -16.92 6.33
N TRP B 121 10.20 -17.81 7.06
CA TRP B 121 9.15 -17.38 7.97
C TRP B 121 9.57 -17.48 9.44
N TRP B 122 9.14 -16.53 10.25
CA TRP B 122 9.44 -16.54 11.67
C TRP B 122 8.12 -16.60 12.46
N GLY B 123 7.81 -17.73 13.08
CA GLY B 123 6.57 -17.86 13.87
C GLY B 123 6.41 -19.25 14.47
N SER B 124 5.35 -19.44 15.26
CA SER B 124 5.21 -20.66 16.04
C SER B 124 4.70 -21.86 15.26
N ALA B 125 5.23 -23.04 15.59
CA ALA B 125 4.91 -24.32 14.90
C ALA B 125 3.45 -24.58 14.59
N GLU B 126 2.61 -24.40 15.60
CA GLU B 126 1.17 -24.66 15.56
C GLU B 126 0.34 -23.85 14.55
N VAL B 127 0.92 -22.79 13.99
CA VAL B 127 0.20 -21.93 13.06
C VAL B 127 0.85 -21.90 11.68
N ILE B 128 1.95 -22.63 11.48
CA ILE B 128 2.71 -22.59 10.22
C ILE B 128 1.88 -23.01 8.99
N GLU B 129 0.90 -23.88 9.16
CA GLU B 129 0.10 -24.34 8.01
C GLU B 129 -0.79 -23.22 7.50
N LYS B 130 -0.99 -22.15 8.29
CA LYS B 130 -1.76 -21.01 7.80
C LYS B 130 -0.87 -20.19 6.86
N GLU B 131 0.45 -20.37 6.95
CA GLU B 131 1.39 -19.62 6.12
C GLU B 131 1.82 -20.33 4.83
N MET B 132 1.89 -21.65 4.87
CA MET B 132 2.54 -22.41 3.80
C MET B 132 2.08 -23.85 3.78
N THR B 133 2.14 -24.49 2.62
CA THR B 133 1.95 -25.94 2.46
C THR B 133 3.32 -26.62 2.51
N ARG B 134 3.40 -27.69 3.30
CA ARG B 134 4.68 -28.39 3.51
C ARG B 134 4.83 -29.63 2.65
N PRO B 135 5.79 -29.62 1.70
CA PRO B 135 6.00 -30.77 0.83
C PRO B 135 6.77 -31.87 1.55
N TYR B 136 6.74 -33.08 1.01
CA TYR B 136 7.62 -34.12 1.53
C TYR B 136 8.51 -34.64 0.42
N PHE B 137 9.54 -35.38 0.80
CA PHE B 137 10.53 -35.88 -0.14
C PHE B 137 10.87 -37.31 0.18
N VAL B 138 10.93 -38.12 -0.87
CA VAL B 138 11.05 -39.56 -0.75
C VAL B 138 12.33 -39.96 -1.49
N GLY B 139 13.10 -40.89 -0.95
CA GLY B 139 14.21 -41.47 -1.69
C GLY B 139 14.86 -42.60 -0.90
N LYS B 140 16.08 -42.98 -1.27
CA LYS B 140 16.79 -44.08 -0.61
C LYS B 140 18.29 -43.78 -0.38
N GLY B 141 18.61 -42.51 -0.18
CA GLY B 141 20.00 -42.11 0.05
C GLY B 141 20.65 -43.00 1.08
N SER B 142 21.85 -43.47 0.81
CA SER B 142 22.49 -44.45 1.69
C SER B 142 22.87 -43.85 3.02
N ALA B 143 23.29 -42.58 3.03
CA ALA B 143 23.62 -41.97 4.31
C ALA B 143 22.39 -41.82 5.22
N VAL B 144 21.31 -41.25 4.69
CA VAL B 144 20.14 -40.95 5.51
C VAL B 144 19.44 -42.26 5.93
N VAL B 145 19.24 -43.18 5.00
CA VAL B 145 18.64 -44.46 5.30
C VAL B 145 19.52 -45.28 6.25
N GLY B 146 20.84 -45.25 6.04
CA GLY B 146 21.76 -45.93 6.95
C GLY B 146 21.73 -45.34 8.36
N GLN B 147 21.73 -44.02 8.50
CA GLN B 147 21.62 -43.45 9.84
C GLN B 147 20.28 -43.86 10.46
N MET B 148 19.20 -43.82 9.67
CA MET B 148 17.90 -44.30 10.17
C MET B 148 17.99 -45.74 10.71
N ALA B 149 18.63 -46.62 9.94
CA ALA B 149 18.85 -48.02 10.38
C ALA B 149 19.62 -48.09 11.70
N ALA B 150 20.72 -47.33 11.76
CA ALA B 150 21.51 -47.25 12.99
C ALA B 150 20.68 -46.86 14.21
N ALA B 151 19.90 -45.78 14.11
CA ALA B 151 19.02 -45.32 15.17
C ALA B 151 18.07 -46.40 15.65
N LEU B 152 17.42 -47.07 14.70
CA LEU B 152 16.50 -48.16 15.04
C LEU B 152 17.17 -49.39 15.66
N ALA B 153 18.34 -49.75 15.15
CA ALA B 153 19.14 -50.84 15.75
C ALA B 153 19.49 -50.61 17.22
N VAL B 154 20.09 -49.45 17.56
CA VAL B 154 20.39 -49.18 18.97
C VAL B 154 19.10 -49.05 19.75
N GLY B 155 18.11 -48.40 19.13
CA GLY B 155 16.78 -48.33 19.71
C GLY B 155 16.14 -49.65 20.09
N SER B 156 16.12 -50.61 19.16
CA SER B 156 15.64 -51.96 19.42
C SER B 156 16.27 -52.60 20.67
N ILE B 157 17.55 -52.33 20.92
CA ILE B 157 18.24 -52.88 22.09
C ILE B 157 17.77 -52.21 23.37
N VAL B 158 17.86 -50.88 23.42
CA VAL B 158 17.66 -50.20 24.70
C VAL B 158 16.18 -50.14 25.03
N LEU B 159 15.35 -50.23 24.01
CA LEU B 159 13.90 -50.20 24.22
C LEU B 159 13.27 -51.60 24.10
N LYS B 160 14.07 -52.64 23.92
CA LYS B 160 13.63 -54.03 23.81
C LYS B 160 12.47 -54.18 22.83
N ASN B 161 12.69 -53.79 21.58
CA ASN B 161 11.60 -53.69 20.62
C ASN B 161 11.90 -54.39 19.29
N ASP B 162 11.17 -55.47 19.00
CA ASP B 162 11.33 -56.26 17.77
C ASP B 162 11.04 -55.43 16.52
N THR B 163 10.04 -54.56 16.58
CA THR B 163 9.68 -53.76 15.42
C THR B 163 10.83 -52.86 15.01
N TYR B 164 11.43 -52.16 15.98
CA TYR B 164 12.55 -51.29 15.63
C TYR B 164 13.66 -52.11 14.97
N LEU B 165 13.92 -53.32 15.49
CA LEU B 165 14.97 -54.17 14.93
C LEU B 165 14.68 -54.59 13.48
N ARG B 166 13.43 -54.95 13.22
CA ARG B 166 13.00 -55.30 11.87
C ARG B 166 13.14 -54.13 10.89
N TYR B 167 12.77 -52.93 11.32
CA TYR B 167 12.98 -51.78 10.45
C TYR B 167 14.45 -51.42 10.27
N ALA B 168 15.22 -51.56 11.35
CA ALA B 168 16.65 -51.30 11.29
C ALA B 168 17.30 -52.17 10.20
N LYS B 169 16.95 -53.44 10.16
CA LYS B 169 17.53 -54.37 9.18
C LYS B 169 17.11 -54.03 7.75
N LYS B 170 15.82 -53.76 7.58
CA LYS B 170 15.26 -53.34 6.30
C LYS B 170 15.94 -52.09 5.77
N TYR B 171 16.08 -51.09 6.64
CA TYR B 171 16.70 -49.85 6.22
C TYR B 171 18.16 -50.10 5.87
N PHE B 172 18.85 -50.90 6.67
CA PHE B 172 20.25 -51.18 6.39
C PHE B 172 20.43 -51.84 5.03
N GLU B 173 19.63 -52.87 4.74
CA GLU B 173 19.71 -53.56 3.45
C GLU B 173 19.43 -52.58 2.31
N LEU B 174 18.45 -51.72 2.51
CA LEU B 174 18.19 -50.69 1.52
C LEU B 174 19.37 -49.75 1.26
N ALA B 175 19.99 -49.23 2.32
CA ALA B 175 21.12 -48.32 2.17
C ALA B 175 22.27 -49.04 1.53
N ASP B 176 22.52 -50.27 1.99
CA ASP B 176 23.62 -51.09 1.53
C ASP B 176 23.42 -51.64 0.12
N ALA B 177 22.17 -51.78 -0.33
CA ALA B 177 21.91 -52.13 -1.72
C ALA B 177 22.11 -50.90 -2.61
N THR B 178 21.69 -49.75 -2.14
CA THR B 178 21.66 -48.55 -2.96
C THR B 178 23.05 -47.95 -3.17
N ARG B 179 23.84 -47.89 -2.10
CA ARG B 179 25.21 -47.38 -2.18
C ARG B 179 25.33 -46.11 -3.04
N SER B 180 24.46 -45.16 -2.72
CA SER B 180 24.42 -43.90 -3.44
C SER B 180 23.63 -42.88 -2.63
N ASP B 181 24.13 -41.65 -2.56
CA ASP B 181 23.36 -40.55 -2.01
C ASP B 181 22.66 -39.74 -3.11
N SER B 182 22.56 -40.30 -4.31
CA SER B 182 22.02 -39.55 -5.45
C SER B 182 20.51 -39.25 -5.37
N THR B 183 19.76 -40.04 -4.60
CA THR B 183 18.36 -39.71 -4.32
C THR B 183 18.12 -38.88 -3.06
N TYR B 184 19.19 -38.32 -2.48
CA TYR B 184 19.14 -37.46 -1.29
C TYR B 184 19.41 -36.00 -1.69
N THR B 185 18.35 -35.23 -1.91
CA THR B 185 18.46 -33.96 -2.62
C THR B 185 17.87 -32.83 -1.80
N ALA B 186 16.78 -33.13 -1.10
CA ALA B 186 15.97 -32.06 -0.50
C ALA B 186 16.67 -31.38 0.68
N ALA B 187 17.69 -32.00 1.25
CA ALA B 187 18.42 -31.41 2.37
C ALA B 187 19.64 -30.58 1.94
N ASN B 188 19.83 -30.45 0.64
CA ASN B 188 21.05 -29.86 0.09
C ASN B 188 21.34 -28.52 0.74
N GLY B 189 22.59 -28.31 1.15
CA GLY B 189 23.00 -26.99 1.69
C GLY B 189 22.64 -26.84 3.17
N PHE B 190 21.76 -27.73 3.63
CA PHE B 190 21.42 -27.85 5.05
C PHE B 190 22.06 -29.08 5.69
N TYR B 191 21.74 -30.26 5.17
CA TYR B 191 22.37 -31.46 5.71
C TYR B 191 22.86 -32.34 4.57
N SER B 192 23.67 -31.75 3.70
CA SER B 192 24.23 -32.47 2.57
C SER B 192 25.12 -33.53 3.15
N SER B 193 25.25 -34.62 2.40
CA SER B 193 26.17 -35.68 2.78
C SER B 193 27.56 -35.26 2.33
N HIS B 194 28.37 -34.79 3.26
CA HIS B 194 29.72 -34.32 2.90
C HIS B 194 30.73 -35.47 2.85
N SER B 195 30.65 -36.37 3.82
CA SER B 195 31.59 -37.48 3.97
C SER B 195 31.27 -38.68 3.09
N GLY B 196 30.09 -38.69 2.48
CA GLY B 196 29.65 -39.90 1.78
C GLY B 196 28.94 -40.83 2.75
N PHE B 197 28.58 -42.01 2.27
CA PHE B 197 27.70 -42.92 2.98
C PHE B 197 28.43 -44.11 3.63
N TRP B 198 29.72 -44.31 3.36
CA TRP B 198 30.41 -45.50 3.88
C TRP B 198 30.46 -45.52 5.40
N ASP B 199 30.61 -44.35 6.03
CA ASP B 199 30.56 -44.26 7.48
C ASP B 199 29.21 -44.68 8.07
N GLU B 200 28.10 -44.35 7.41
CA GLU B 200 26.78 -44.71 7.91
C GLU B 200 26.55 -46.23 7.77
N LEU B 201 27.03 -46.83 6.68
CA LEU B 201 26.96 -48.30 6.58
C LEU B 201 27.79 -48.97 7.69
N LEU B 202 28.96 -48.41 7.98
CA LEU B 202 29.77 -48.92 9.10
C LEU B 202 29.05 -48.80 10.45
N TRP B 203 28.48 -47.62 10.70
CA TRP B 203 27.81 -47.35 11.96
C TRP B 203 26.56 -48.20 12.14
N ALA B 204 25.74 -48.28 11.11
CA ALA B 204 24.57 -49.15 11.15
C ALA B 204 24.90 -50.64 11.35
N SER B 205 25.88 -51.15 10.61
CA SER B 205 26.15 -52.59 10.70
C SER B 205 26.77 -52.93 12.06
N THR B 206 27.54 -51.99 12.60
CA THR B 206 28.11 -52.15 13.93
C THR B 206 27.00 -52.27 14.97
N TRP B 207 26.02 -51.39 14.89
CA TRP B 207 24.93 -51.44 15.85
C TRP B 207 24.06 -52.69 15.66
N LEU B 208 23.89 -53.15 14.42
CA LEU B 208 23.15 -54.39 14.16
C LEU B 208 23.89 -55.62 14.71
N TYR B 209 25.21 -55.57 14.61
CA TYR B 209 26.02 -56.59 15.27
C TYR B 209 25.82 -56.52 16.77
N LEU B 210 25.85 -55.33 17.38
CA LEU B 210 25.61 -55.25 18.82
C LEU B 210 24.19 -55.67 19.21
N ALA B 211 23.24 -55.52 18.30
CA ALA B 211 21.84 -55.84 18.60
C ALA B 211 21.53 -57.33 18.48
N THR B 212 22.19 -58.00 17.53
CA THR B 212 21.86 -59.38 17.17
C THR B 212 22.93 -60.40 17.57
N GLY B 213 24.20 -59.98 17.63
CA GLY B 213 25.30 -60.92 17.84
C GLY B 213 25.65 -61.72 16.59
N ASP B 214 25.01 -61.41 15.47
CA ASP B 214 25.27 -62.07 14.20
C ASP B 214 26.58 -61.55 13.59
N ARG B 215 27.60 -62.41 13.55
CA ARG B 215 28.94 -62.02 13.05
C ARG B 215 28.95 -61.59 11.58
N ASN B 216 27.94 -62.01 10.82
CA ASN B 216 27.72 -61.43 9.49
C ASN B 216 27.71 -59.89 9.50
N TYR B 217 27.21 -59.27 10.57
CA TYR B 217 27.19 -57.81 10.61
C TYR B 217 28.57 -57.26 11.00
N LEU B 218 29.27 -57.99 11.85
CA LEU B 218 30.67 -57.66 12.15
C LEU B 218 31.52 -57.74 10.89
N ASP B 219 31.30 -58.76 10.05
CA ASP B 219 32.07 -58.92 8.82
C ASP B 219 31.79 -57.77 7.85
N LYS B 220 30.51 -57.44 7.70
CA LYS B 220 30.10 -56.27 6.93
C LYS B 220 30.79 -55.01 7.47
N ALA B 221 30.64 -54.75 8.77
CA ALA B 221 31.21 -53.54 9.37
C ALA B 221 32.70 -53.38 9.05
N GLU B 222 33.50 -54.37 9.42
CA GLU B 222 34.92 -54.36 9.09
C GLU B 222 35.24 -54.19 7.61
N SER B 223 34.48 -54.85 6.74
CA SER B 223 34.60 -54.62 5.29
C SER B 223 34.37 -53.18 4.83
N TYR B 224 33.82 -52.30 5.66
CA TYR B 224 33.61 -50.91 5.22
C TYR B 224 34.78 -49.97 5.56
N THR B 225 35.64 -50.36 6.51
CA THR B 225 36.69 -49.45 6.98
C THR B 225 37.76 -49.05 5.95
N PRO B 226 38.06 -49.92 4.96
CA PRO B 226 38.96 -49.43 3.90
C PRO B 226 38.29 -48.42 2.95
N LYS B 227 36.97 -48.24 3.05
CA LYS B 227 36.24 -47.30 2.19
C LYS B 227 36.12 -45.93 2.82
N LEU B 228 36.40 -45.82 4.11
CA LEU B 228 36.37 -44.54 4.82
C LEU B 228 37.35 -43.55 4.19
N ASN B 229 37.05 -42.27 4.33
CA ASN B 229 37.95 -41.23 3.87
C ASN B 229 39.22 -41.27 4.67
N ARG B 230 40.30 -40.85 4.03
CA ARG B 230 41.62 -40.86 4.61
C ARG B 230 41.83 -39.49 5.23
N GLN B 231 42.78 -39.40 6.17
CA GLN B 231 43.22 -38.12 6.69
C GLN B 231 44.09 -37.47 5.62
N ASN B 232 43.57 -36.41 5.01
CA ASN B 232 44.27 -35.67 3.98
C ASN B 232 44.76 -36.63 2.90
N GLN B 233 46.05 -36.65 2.63
CA GLN B 233 46.57 -37.47 1.54
C GLN B 233 47.33 -38.69 2.03
N THR B 234 47.05 -39.10 3.26
CA THR B 234 47.80 -40.18 3.90
C THR B 234 47.02 -41.48 3.78
N THR B 235 47.51 -42.53 4.41
CA THR B 235 46.78 -43.80 4.40
C THR B 235 45.94 -44.01 5.65
N ASP B 236 46.07 -43.14 6.65
CA ASP B 236 45.26 -43.24 7.86
C ASP B 236 43.81 -42.92 7.56
N ILE B 237 42.91 -43.56 8.29
CA ILE B 237 41.51 -43.15 8.31
C ILE B 237 41.45 -41.74 8.92
N GLU B 238 40.63 -40.88 8.31
CA GLU B 238 40.38 -39.54 8.84
C GLU B 238 40.00 -39.60 10.31
N TYR B 239 40.65 -38.74 11.08
CA TYR B 239 40.46 -38.67 12.53
C TYR B 239 40.36 -37.24 12.99
N GLN B 240 40.75 -36.30 12.13
CA GLN B 240 40.72 -34.87 12.49
C GLN B 240 39.35 -34.21 12.33
N TRP B 241 38.37 -34.70 13.07
CA TRP B 241 37.01 -34.16 13.05
C TRP B 241 36.24 -34.79 14.21
N ALA B 242 34.96 -34.49 14.29
CA ALA B 242 34.10 -34.97 15.36
C ALA B 242 33.09 -35.96 14.82
N HIS B 243 32.76 -36.92 15.67
CA HIS B 243 31.54 -37.70 15.52
C HIS B 243 30.40 -36.69 15.45
N CYS B 244 29.54 -36.83 14.45
CA CYS B 244 28.51 -35.83 14.16
C CYS B 244 27.44 -36.36 13.23
N TRP B 245 26.39 -35.56 13.03
CA TRP B 245 25.27 -35.94 12.16
C TRP B 245 25.66 -36.50 10.78
N ASP B 246 26.81 -36.10 10.24
CA ASP B 246 27.26 -36.43 8.88
C ASP B 246 28.24 -37.59 8.88
N ASP B 247 28.86 -37.83 10.03
CA ASP B 247 29.97 -38.80 10.07
C ASP B 247 30.08 -39.48 11.43
N CYS B 248 29.63 -40.74 11.49
CA CYS B 248 29.68 -41.50 12.72
C CYS B 248 30.77 -42.57 12.76
N HIS B 249 31.71 -42.57 11.82
CA HIS B 249 32.75 -43.60 11.86
C HIS B 249 33.58 -43.54 13.15
N TYR B 250 33.68 -42.33 13.73
CA TYR B 250 34.45 -42.17 14.96
C TYR B 250 33.95 -43.08 16.09
N GLY B 251 32.69 -42.94 16.45
CA GLY B 251 32.06 -43.79 17.45
C GLY B 251 31.94 -45.26 17.05
N ALA B 252 31.83 -45.54 15.75
CA ALA B 252 31.77 -46.93 15.32
C ALA B 252 33.12 -47.61 15.58
N MET B 253 34.20 -46.85 15.43
CA MET B 253 35.54 -47.42 15.69
C MET B 253 35.75 -47.75 17.17
N ILE B 254 35.25 -46.87 18.03
CA ILE B 254 35.28 -47.04 19.49
C ILE B 254 34.46 -48.26 19.89
N LEU B 255 33.28 -48.38 19.31
CA LEU B 255 32.44 -49.54 19.56
C LEU B 255 33.12 -50.83 19.08
N LEU B 256 33.82 -50.76 17.95
CA LEU B 256 34.54 -51.92 17.45
C LEU B 256 35.81 -52.25 18.24
N ALA B 257 36.45 -51.25 18.81
CA ALA B 257 37.54 -51.45 19.76
C ALA B 257 37.11 -52.33 20.92
N ARG B 258 36.00 -51.97 21.57
CA ARG B 258 35.53 -52.72 22.73
C ARG B 258 34.97 -54.10 22.33
N ALA B 259 34.25 -54.18 21.21
CA ALA B 259 33.64 -55.47 20.85
C ALA B 259 34.61 -56.52 20.27
N THR B 260 35.64 -56.09 19.55
CA THR B 260 36.59 -57.04 18.99
C THR B 260 37.91 -57.06 19.76
N GLY B 261 38.18 -55.98 20.50
CA GLY B 261 39.46 -55.79 21.17
C GLY B 261 40.61 -55.64 20.21
N LYS B 262 40.32 -55.58 18.90
CA LYS B 262 41.38 -55.54 17.90
C LYS B 262 42.24 -54.28 17.95
N GLU B 263 43.53 -54.44 17.70
CA GLU B 263 44.49 -53.33 17.78
C GLU B 263 44.18 -52.12 16.91
N GLU B 264 43.84 -52.35 15.65
CA GLU B 264 43.58 -51.25 14.73
C GLU B 264 42.53 -50.25 15.21
N TYR B 265 41.49 -50.74 15.90
CA TYR B 265 40.43 -49.86 16.38
C TYR B 265 40.88 -49.05 17.59
N HIS B 266 41.70 -49.64 18.45
CA HIS B 266 42.26 -48.90 19.58
C HIS B 266 43.25 -47.86 19.12
N LYS B 267 44.02 -48.19 18.09
CA LYS B 267 44.99 -47.25 17.55
C LYS B 267 44.25 -46.06 16.94
N PHE B 268 43.17 -46.36 16.23
CA PHE B 268 42.36 -45.26 15.73
C PHE B 268 41.77 -44.42 16.85
N ALA B 269 41.09 -45.09 17.78
CA ALA B 269 40.45 -44.41 18.90
C ALA B 269 41.39 -43.43 19.60
N GLN B 270 42.60 -43.89 19.92
CA GLN B 270 43.57 -43.08 20.62
C GLN B 270 44.22 -42.01 19.75
N MET B 271 44.45 -42.32 18.48
CA MET B 271 44.87 -41.26 17.56
C MET B 271 43.86 -40.08 17.52
N HIS B 272 42.60 -40.42 17.30
CA HIS B 272 41.51 -39.43 17.19
C HIS B 272 41.27 -38.69 18.49
N LEU B 273 41.20 -39.44 19.59
CA LEU B 273 40.92 -38.82 20.87
C LEU B 273 42.09 -37.94 21.32
N ASP B 274 43.32 -38.43 21.10
CA ASP B 274 44.53 -37.64 21.35
C ASP B 274 44.53 -36.28 20.64
N TRP B 275 44.11 -36.26 19.39
CA TRP B 275 44.01 -35.03 18.60
C TRP B 275 43.03 -34.01 19.20
N TRP B 276 42.02 -34.52 19.90
CA TRP B 276 41.10 -33.65 20.63
C TRP B 276 41.64 -33.12 21.98
N THR B 277 42.57 -33.83 22.61
CA THR B 277 43.05 -33.44 23.96
C THR B 277 44.03 -32.27 23.88
N PRO B 278 44.23 -31.53 24.99
CA PRO B 278 45.21 -30.45 24.92
C PRO B 278 46.63 -30.95 24.61
N GLN B 279 46.90 -32.23 24.85
CA GLN B 279 48.23 -32.80 24.59
C GLN B 279 48.44 -33.22 23.13
N GLY B 280 47.36 -33.39 22.37
CA GLY B 280 47.46 -33.57 20.93
C GLY B 280 47.95 -34.95 20.53
N TYR B 281 48.06 -35.14 19.22
CA TYR B 281 48.57 -36.37 18.61
C TYR B 281 49.77 -36.05 17.73
N ASN B 282 50.95 -36.50 18.15
CA ASN B 282 52.24 -36.15 17.55
C ASN B 282 52.37 -34.67 17.15
N GLY B 283 51.95 -33.76 18.02
CA GLY B 283 52.16 -32.34 17.81
C GLY B 283 51.00 -31.69 17.09
N LYS B 284 50.01 -32.49 16.71
CA LYS B 284 48.79 -32.06 16.01
C LYS B 284 47.57 -32.11 16.93
N ARG B 285 46.72 -31.09 16.82
CA ARG B 285 45.63 -30.95 17.77
C ARG B 285 44.53 -30.08 17.19
N VAL B 286 43.32 -30.27 17.67
CA VAL B 286 42.20 -29.37 17.40
C VAL B 286 42.55 -27.98 17.94
N ALA B 287 42.04 -26.94 17.29
CA ALA B 287 42.11 -25.61 17.85
C ALA B 287 41.49 -25.60 19.25
N TYR B 288 42.08 -24.83 20.16
CA TYR B 288 41.53 -24.60 21.49
C TYR B 288 41.41 -23.09 21.71
N THR B 289 40.30 -22.65 22.28
CA THR B 289 40.18 -21.27 22.73
C THR B 289 41.10 -21.05 23.90
N PRO B 290 41.46 -19.79 24.20
CA PRO B 290 42.22 -19.54 25.41
C PRO B 290 41.44 -20.02 26.63
N GLY B 291 40.11 -19.91 26.56
CA GLY B 291 39.28 -20.38 27.67
C GLY B 291 39.19 -21.89 27.82
N GLY B 292 39.82 -22.64 26.93
CA GLY B 292 39.84 -24.09 27.09
C GLY B 292 38.79 -24.90 26.33
N LEU B 293 38.09 -24.26 25.41
CA LEU B 293 37.15 -24.99 24.53
C LEU B 293 37.81 -25.59 23.28
N ALA B 294 37.63 -26.89 23.05
CA ALA B 294 38.11 -27.49 21.80
C ALA B 294 37.17 -27.04 20.70
N HIS B 295 37.70 -26.29 19.75
CA HIS B 295 36.91 -25.46 18.84
C HIS B 295 37.13 -25.94 17.40
N LEU B 296 36.26 -26.80 16.92
CA LEU B 296 36.49 -27.49 15.66
C LEU B 296 36.19 -26.62 14.45
N ASP B 297 35.19 -25.74 14.59
CA ASP B 297 34.61 -24.99 13.49
C ASP B 297 33.71 -23.90 14.10
N THR B 298 33.46 -22.87 13.29
CA THR B 298 32.59 -21.74 13.61
C THR B 298 31.18 -22.18 13.99
N TRP B 299 30.64 -23.12 13.21
CA TRP B 299 29.27 -23.60 13.39
C TRP B 299 29.16 -24.64 14.49
N GLY B 300 28.39 -24.32 15.54
CA GLY B 300 28.05 -25.26 16.61
C GLY B 300 29.28 -25.92 17.22
N PRO B 301 30.23 -25.12 17.71
CA PRO B 301 31.41 -25.74 18.31
C PRO B 301 31.12 -26.50 19.59
N LEU B 302 30.12 -26.08 20.37
CA LEU B 302 29.81 -26.81 21.61
C LEU B 302 29.24 -28.20 21.29
N ARG B 303 28.38 -28.25 20.27
CA ARG B 303 27.88 -29.53 19.76
C ARG B 303 29.05 -30.48 19.53
N TYR B 304 30.09 -30.02 18.83
CA TYR B 304 31.15 -30.96 18.45
C TYR B 304 31.94 -31.41 19.68
N ALA B 305 32.27 -30.46 20.54
CA ALA B 305 33.08 -30.76 21.72
C ALA B 305 32.37 -31.62 22.75
N THR B 306 31.07 -31.38 22.97
CA THR B 306 30.31 -32.18 23.93
C THR B 306 30.06 -33.60 23.42
N THR B 307 29.97 -33.76 22.10
CA THR B 307 29.81 -35.09 21.50
C THR B 307 31.12 -35.85 21.70
N GLU B 308 32.25 -35.19 21.42
CA GLU B 308 33.56 -35.78 21.71
C GLU B 308 33.77 -36.16 23.18
N ALA B 309 33.21 -35.38 24.09
CA ALA B 309 33.30 -35.70 25.52
C ALA B 309 32.60 -37.02 25.78
N PHE B 310 31.44 -37.21 25.16
CA PHE B 310 30.77 -38.49 25.24
C PHE B 310 31.65 -39.62 24.71
N LEU B 311 32.21 -39.50 23.50
CA LEU B 311 33.01 -40.61 22.95
C LEU B 311 34.18 -40.95 23.88
N ALA B 312 34.78 -39.89 24.42
CA ALA B 312 35.94 -39.98 25.28
C ALA B 312 35.56 -40.72 26.58
N PHE B 313 34.40 -40.41 27.16
CA PHE B 313 33.95 -41.09 28.39
C PHE B 313 33.76 -42.57 28.12
N VAL B 314 33.11 -42.90 27.01
CA VAL B 314 32.86 -44.28 26.63
C VAL B 314 34.15 -45.04 26.35
N TYR B 315 35.06 -44.43 25.60
CA TYR B 315 36.33 -45.11 25.37
C TYR B 315 37.15 -45.33 26.65
N ALA B 316 37.25 -44.30 27.49
CA ALA B 316 37.92 -44.38 28.80
C ALA B 316 37.32 -45.40 29.74
N ASP B 317 35.98 -45.46 29.80
CA ASP B 317 35.30 -46.45 30.61
C ASP B 317 35.61 -47.86 30.11
N SER B 318 36.02 -47.99 28.85
CA SER B 318 36.20 -49.30 28.25
C SER B 318 37.66 -49.81 28.29
N ILE B 319 38.59 -48.99 28.76
CA ILE B 319 40.01 -49.38 28.88
C ILE B 319 40.48 -49.40 30.33
N ASN B 320 41.66 -49.97 30.60
CA ASN B 320 42.20 -50.06 31.98
C ASN B 320 43.36 -49.12 32.34
N ASP B 321 44.03 -48.55 31.36
CA ASP B 321 45.21 -47.72 31.60
C ASP B 321 44.86 -46.40 32.29
N PRO B 322 45.35 -46.19 33.53
CA PRO B 322 44.90 -45.04 34.32
C PRO B 322 45.40 -43.71 33.77
N ALA B 323 46.57 -43.72 33.13
CA ALA B 323 47.08 -42.52 32.47
C ALA B 323 46.15 -42.05 31.34
N LEU B 324 45.78 -42.98 30.46
CA LEU B 324 44.91 -42.69 29.33
C LEU B 324 43.48 -42.38 29.79
N LYS B 325 42.99 -43.15 30.77
CA LYS B 325 41.70 -42.89 31.37
C LYS B 325 41.58 -41.48 31.93
N GLN B 326 42.58 -41.04 32.69
CA GLN B 326 42.53 -39.70 33.29
C GLN B 326 42.55 -38.64 32.19
N LYS B 327 43.43 -38.81 31.21
CA LYS B 327 43.56 -37.83 30.13
C LYS B 327 42.24 -37.68 29.36
N TYR B 328 41.62 -38.80 29.01
CA TYR B 328 40.34 -38.75 28.29
C TYR B 328 39.19 -38.26 29.17
N TYR B 329 39.16 -38.70 30.42
CA TYR B 329 38.16 -38.22 31.37
C TYR B 329 38.28 -36.70 31.59
N ASN B 330 39.50 -36.20 31.74
CA ASN B 330 39.70 -34.77 32.00
C ASN B 330 39.36 -33.90 30.79
N PHE B 331 39.63 -34.41 29.59
CA PHE B 331 39.21 -33.75 28.36
C PHE B 331 37.68 -33.67 28.29
N ALA B 332 37.02 -34.81 28.44
CA ALA B 332 35.56 -34.89 28.42
C ALA B 332 34.86 -33.99 29.42
N LYS B 333 35.25 -34.08 30.69
CA LYS B 333 34.61 -33.28 31.73
C LYS B 333 34.87 -31.79 31.50
N SER B 334 36.08 -31.45 31.07
CA SER B 334 36.44 -30.06 30.80
C SER B 334 35.55 -29.42 29.72
N GLN B 335 35.20 -30.16 28.68
CA GLN B 335 34.32 -29.65 27.63
C GLN B 335 32.87 -29.48 28.13
N ILE B 336 32.38 -30.45 28.88
CA ILE B 336 31.03 -30.37 29.41
C ILE B 336 30.98 -29.18 30.36
N ASP B 337 31.97 -29.07 31.24
CA ASP B 337 31.93 -28.03 32.24
C ASP B 337 32.04 -26.63 31.60
N TYR B 338 32.79 -26.51 30.50
CA TYR B 338 32.84 -25.27 29.73
C TYR B 338 31.43 -24.83 29.31
N ALA B 339 30.71 -25.77 28.68
CA ALA B 339 29.35 -25.56 28.25
C ALA B 339 28.42 -25.18 29.39
N LEU B 340 28.67 -25.69 30.60
CA LEU B 340 27.75 -25.43 31.70
C LEU B 340 28.15 -24.20 32.53
N GLY B 341 29.30 -23.59 32.21
CA GLY B 341 29.72 -22.38 32.95
C GLY B 341 31.19 -22.19 33.26
N SER B 342 32.01 -23.21 33.09
CA SER B 342 33.43 -23.04 33.39
C SER B 342 34.16 -22.47 32.20
N ASN B 343 34.00 -21.16 31.98
CA ASN B 343 34.52 -20.48 30.79
C ASN B 343 34.85 -19.05 31.21
N PRO B 344 35.41 -18.23 30.32
CA PRO B 344 35.88 -16.91 30.80
C PRO B 344 34.76 -15.98 31.28
N ASP B 345 33.52 -16.25 30.87
CA ASP B 345 32.38 -15.45 31.32
C ASP B 345 31.61 -16.10 32.47
N ASN B 346 32.06 -17.28 32.89
CA ASN B 346 31.38 -18.03 33.95
C ASN B 346 29.89 -18.24 33.68
N ARG B 347 29.51 -18.36 32.41
CA ARG B 347 28.11 -18.43 32.02
C ARG B 347 27.72 -19.77 31.35
N SER B 348 26.52 -20.23 31.69
CA SER B 348 25.96 -21.41 31.09
C SER B 348 25.69 -21.10 29.63
N TYR B 349 25.96 -22.09 28.79
CA TYR B 349 25.53 -22.06 27.41
C TYR B 349 24.31 -22.96 27.19
N VAL B 350 23.63 -23.31 28.28
CA VAL B 350 22.43 -24.11 28.23
C VAL B 350 21.26 -23.22 28.63
N VAL B 351 20.26 -23.10 27.77
CA VAL B 351 19.05 -22.30 28.07
C VAL B 351 18.36 -22.80 29.34
N GLY B 352 18.06 -21.87 30.24
CA GLY B 352 17.32 -22.13 31.46
C GLY B 352 18.11 -22.92 32.48
N PHE B 353 19.43 -23.01 32.29
CA PHE B 353 20.26 -23.72 33.26
C PHE B 353 21.42 -22.86 33.74
N GLY B 354 21.65 -22.86 35.04
CA GLY B 354 22.88 -22.30 35.59
C GLY B 354 22.99 -20.79 35.57
N ASN B 355 24.22 -20.28 35.54
CA ASN B 355 24.45 -18.85 35.66
C ASN B 355 24.46 -18.12 34.32
N ASN B 356 23.64 -17.07 34.28
CA ASN B 356 23.50 -16.21 33.11
C ASN B 356 23.34 -16.99 31.80
N PRO B 357 22.37 -17.92 31.73
CA PRO B 357 22.22 -18.72 30.52
C PRO B 357 21.77 -17.92 29.29
N PRO B 358 21.93 -18.45 28.06
CA PRO B 358 21.37 -17.68 26.94
C PRO B 358 19.85 -17.49 27.08
N GLN B 359 19.35 -16.31 26.71
CA GLN B 359 17.94 -16.00 26.79
C GLN B 359 17.30 -15.71 25.43
N ARG B 360 18.10 -15.68 24.37
CA ARG B 360 17.58 -15.38 23.05
C ARG B 360 18.04 -16.42 22.04
N PRO B 361 17.77 -17.71 22.32
CA PRO B 361 18.17 -18.68 21.29
C PRO B 361 17.43 -18.43 19.98
N HIS B 362 18.06 -18.77 18.86
CA HIS B 362 17.46 -18.65 17.53
C HIS B 362 16.47 -19.81 17.37
N HIS B 363 15.27 -19.61 17.89
CA HIS B 363 14.25 -20.65 18.01
C HIS B 363 12.88 -19.99 17.92
N ARG B 364 12.21 -20.27 16.81
CA ARG B 364 10.94 -19.61 16.46
C ARG B 364 9.85 -19.78 17.51
N THR B 365 9.52 -21.03 17.83
CA THR B 365 8.38 -21.33 18.71
C THR B 365 8.61 -20.90 20.16
N ALA B 366 9.85 -21.01 20.62
CA ALA B 366 10.16 -20.58 21.97
C ALA B 366 10.09 -19.04 22.04
N HIS B 367 10.39 -18.37 20.94
CA HIS B 367 10.34 -16.92 20.87
C HIS B 367 8.90 -16.45 21.04
N GLY B 368 7.96 -17.07 20.31
CA GLY B 368 6.53 -16.76 20.39
C GLY B 368 6.09 -15.40 19.86
N THR B 369 6.53 -15.05 18.66
CA THR B 369 6.14 -13.79 18.05
C THR B 369 4.74 -13.96 17.44
N TRP B 370 4.11 -12.84 17.06
CA TRP B 370 2.86 -12.85 16.33
C TRP B 370 3.03 -12.14 14.97
N LEU B 371 4.24 -11.69 14.68
CA LEU B 371 4.45 -10.66 13.65
C LEU B 371 5.41 -11.06 12.54
N ASP B 372 5.91 -12.29 12.54
CA ASP B 372 6.95 -12.70 11.59
C ASP B 372 8.12 -11.70 11.68
N LYS B 373 8.53 -11.44 12.92
CA LYS B 373 9.68 -10.61 13.25
C LYS B 373 10.51 -11.24 14.37
N ARG B 374 11.83 -11.06 14.34
CA ARG B 374 12.69 -11.56 15.40
C ARG B 374 12.90 -10.56 16.53
N ASP B 375 12.74 -9.26 16.25
CA ASP B 375 13.01 -8.25 17.27
C ASP B 375 11.81 -7.98 18.19
N ILE B 376 10.66 -8.49 17.80
CA ILE B 376 9.44 -8.27 18.58
C ILE B 376 8.73 -9.61 18.73
N PRO B 377 8.47 -10.02 19.98
CA PRO B 377 8.79 -9.39 21.25
C PRO B 377 10.30 -9.40 21.51
N GLU B 378 10.76 -8.43 22.29
CA GLU B 378 12.19 -8.24 22.57
C GLU B 378 12.76 -9.27 23.55
N LYS B 379 11.88 -9.89 24.33
CA LYS B 379 12.22 -11.06 25.11
C LYS B 379 11.44 -12.28 24.62
N HIS B 380 12.04 -13.46 24.70
CA HIS B 380 11.38 -14.74 24.44
C HIS B 380 10.21 -14.97 25.38
N ARG B 381 9.11 -15.49 24.85
CA ARG B 381 7.92 -15.67 25.69
C ARG B 381 7.96 -16.99 26.45
N HIS B 382 8.84 -17.89 26.01
CA HIS B 382 8.94 -19.21 26.62
C HIS B 382 10.40 -19.54 26.90
N VAL B 383 10.59 -20.47 27.84
CA VAL B 383 11.91 -20.98 28.20
C VAL B 383 12.15 -22.33 27.53
N LEU B 384 13.11 -22.33 26.60
CA LEU B 384 13.60 -23.54 25.93
C LEU B 384 14.61 -24.25 26.84
N TYR B 385 14.19 -24.72 28.01
CA TYR B 385 15.07 -25.42 28.94
C TYR B 385 15.92 -26.49 28.26
N GLY B 386 17.21 -26.43 28.54
CA GLY B 386 18.09 -27.54 28.18
C GLY B 386 18.84 -27.44 26.87
N ALA B 387 18.49 -26.43 26.08
CA ALA B 387 19.00 -26.39 24.71
C ALA B 387 20.43 -25.90 24.78
N LEU B 388 21.35 -26.70 24.23
CA LEU B 388 22.74 -26.31 24.13
C LEU B 388 22.87 -25.36 22.93
N VAL B 389 23.28 -24.11 23.16
CA VAL B 389 23.49 -23.21 22.01
C VAL B 389 24.73 -23.53 21.15
N GLY B 390 24.87 -22.88 20.00
CA GLY B 390 26.06 -23.02 19.14
C GLY B 390 27.37 -22.89 19.90
N GLY B 391 27.51 -21.74 20.55
CA GLY B 391 28.67 -21.49 21.40
C GLY B 391 29.53 -20.33 20.93
N PRO B 392 30.60 -20.04 21.68
CA PRO B 392 31.43 -18.88 21.36
C PRO B 392 32.34 -19.10 20.15
N GLY B 393 32.99 -18.02 19.70
CA GLY B 393 34.02 -18.08 18.67
C GLY B 393 35.34 -18.65 19.16
N ARG B 394 36.30 -18.82 18.24
CA ARG B 394 37.64 -19.31 18.54
C ARG B 394 38.33 -18.55 19.66
N ASP B 395 37.87 -17.32 19.88
CA ASP B 395 38.46 -16.40 20.86
C ASP B 395 37.62 -16.28 22.14
N ASP B 396 36.66 -17.18 22.29
CA ASP B 396 35.73 -17.27 23.44
C ASP B 396 34.63 -16.20 23.38
N SER B 397 34.59 -15.41 22.31
CA SER B 397 33.66 -14.29 22.24
C SER B 397 32.25 -14.81 21.94
N TYR B 398 31.26 -14.15 22.51
CA TYR B 398 29.86 -14.54 22.34
C TYR B 398 28.91 -13.41 22.72
N GLU B 399 27.85 -13.25 21.95
CA GLU B 399 26.71 -12.41 22.34
C GLU B 399 25.39 -13.18 22.21
N ASP B 400 24.55 -13.03 23.22
CA ASP B 400 23.21 -13.62 23.25
C ASP B 400 22.27 -12.78 22.40
N ASN B 401 22.14 -13.13 21.12
CA ASN B 401 21.45 -12.33 20.12
C ASN B 401 20.64 -13.29 19.24
N ILE B 402 19.35 -13.01 19.11
CA ILE B 402 18.46 -13.91 18.39
C ILE B 402 18.82 -14.03 16.91
N GLU B 403 19.46 -12.99 16.36
CA GLU B 403 19.88 -12.95 14.94
C GLU B 403 21.04 -13.88 14.62
N ASP B 404 21.85 -14.21 15.62
CA ASP B 404 23.02 -15.04 15.37
C ASP B 404 22.69 -16.53 15.36
N TYR B 405 22.32 -17.05 14.19
CA TYR B 405 22.06 -18.47 13.99
C TYR B 405 23.33 -19.33 13.91
N VAL B 406 24.48 -18.71 14.10
CA VAL B 406 25.72 -19.46 14.16
C VAL B 406 26.05 -19.83 15.62
N LYS B 407 26.02 -18.84 16.49
CA LYS B 407 26.40 -18.97 17.90
C LYS B 407 25.18 -19.27 18.75
N ASN B 408 24.01 -18.79 18.36
CA ASN B 408 22.82 -19.00 19.16
C ASN B 408 21.79 -19.95 18.54
N GLU B 409 22.20 -20.75 17.56
CA GLU B 409 21.35 -21.82 17.04
C GLU B 409 21.23 -22.90 18.12
N VAL B 410 20.15 -23.68 18.08
CA VAL B 410 19.95 -24.83 18.95
C VAL B 410 19.49 -25.97 18.04
N ALA B 411 19.72 -27.22 18.41
CA ALA B 411 19.35 -28.32 17.50
C ALA B 411 19.34 -29.69 18.18
N CYS B 412 18.57 -30.61 17.61
CA CYS B 412 18.54 -32.03 18.05
C CYS B 412 19.93 -32.60 18.19
N ASP B 413 20.75 -32.32 17.17
CA ASP B 413 22.09 -32.86 17.09
C ASP B 413 23.02 -32.17 18.09
N TYR B 414 22.77 -30.90 18.41
CA TYR B 414 23.56 -30.24 19.45
C TYR B 414 23.32 -30.98 20.77
N ASN B 415 22.07 -31.26 21.10
CA ASN B 415 21.78 -31.87 22.39
C ASN B 415 22.12 -33.36 22.57
N ALA B 416 22.42 -34.06 21.47
CA ALA B 416 22.27 -35.51 21.52
C ALA B 416 23.46 -36.11 22.25
N GLY B 417 24.65 -35.84 21.74
CA GLY B 417 25.85 -36.35 22.39
C GLY B 417 26.00 -35.74 23.76
N PHE B 418 25.60 -34.47 23.91
CA PHE B 418 25.62 -33.74 25.19
C PHE B 418 24.82 -34.50 26.25
N VAL B 419 23.69 -35.06 25.83
CA VAL B 419 22.85 -35.87 26.74
C VAL B 419 23.62 -37.11 27.23
N GLY B 420 24.29 -37.81 26.33
CA GLY B 420 25.10 -38.97 26.75
C GLY B 420 26.18 -38.61 27.76
N ALA B 421 26.96 -37.57 27.46
CA ALA B 421 27.95 -37.03 28.39
C ALA B 421 27.38 -36.66 29.76
N LEU B 422 26.21 -36.04 29.78
CA LEU B 422 25.56 -35.68 31.05
C LEU B 422 25.08 -36.93 31.82
N CYS B 423 24.68 -37.97 31.10
CA CYS B 423 24.37 -39.27 31.69
C CYS B 423 25.58 -39.81 32.45
N ARG B 424 26.75 -39.73 31.79
CA ARG B 424 27.99 -40.18 32.41
C ARG B 424 28.33 -39.40 33.67
N LEU B 425 28.15 -38.08 33.61
CA LEU B 425 28.52 -37.25 34.74
C LEU B 425 27.53 -37.37 35.90
N THR B 426 26.25 -37.56 35.58
CA THR B 426 25.23 -37.82 36.60
C THR B 426 25.49 -39.16 37.30
N ALA B 427 25.79 -40.19 36.52
CA ALA B 427 26.07 -41.52 37.05
C ALA B 427 27.16 -41.39 38.10
N GLU B 428 28.18 -40.59 37.81
CA GLU B 428 29.29 -40.43 38.72
C GLU B 428 29.00 -39.54 39.93
N TYR B 429 28.51 -38.33 39.69
CA TYR B 429 28.31 -37.36 40.76
C TYR B 429 26.88 -37.26 41.29
N GLY B 430 25.95 -38.03 40.73
CA GLY B 430 24.55 -37.95 41.12
C GLY B 430 23.94 -36.57 40.90
N GLY B 431 23.33 -36.04 41.94
CA GLY B 431 22.67 -34.75 41.88
C GLY B 431 21.18 -35.02 41.98
N THR B 432 20.44 -34.01 42.39
CA THR B 432 19.00 -34.17 42.50
C THR B 432 18.29 -33.32 41.45
N PRO B 433 17.41 -33.94 40.62
CA PRO B 433 16.69 -33.23 39.57
C PRO B 433 15.69 -32.27 40.20
N LEU B 434 15.28 -31.23 39.47
CA LEU B 434 14.35 -30.23 40.00
C LEU B 434 13.00 -30.85 40.29
N ALA B 435 12.43 -30.52 41.44
CA ALA B 435 11.22 -31.17 41.93
C ALA B 435 9.98 -30.81 41.12
N ASN B 436 9.80 -29.54 40.83
CA ASN B 436 8.52 -29.15 40.25
C ASN B 436 8.74 -28.61 38.84
N PHE B 437 9.63 -29.25 38.12
CA PHE B 437 9.99 -28.79 36.79
C PHE B 437 9.07 -29.47 35.78
N PRO B 438 8.59 -28.73 34.76
CA PRO B 438 8.82 -27.30 34.55
C PRO B 438 7.82 -26.44 35.32
N PRO B 439 8.24 -25.28 35.84
CA PRO B 439 7.32 -24.37 36.51
C PRO B 439 6.46 -23.61 35.50
N PRO B 440 5.31 -23.06 35.96
CA PRO B 440 4.41 -22.38 35.04
C PRO B 440 4.92 -21.02 34.54
N GLU B 441 4.71 -20.76 33.25
CA GLU B 441 5.12 -19.47 32.72
C GLU B 441 4.11 -18.37 33.03
N GLN B 442 4.61 -17.16 33.20
CA GLN B 442 3.80 -15.95 33.14
C GLN B 442 3.25 -15.75 31.72
N ARG B 443 1.93 -15.74 31.60
CA ARG B 443 1.26 -15.60 30.30
C ARG B 443 0.80 -14.16 30.01
N ASP B 444 0.62 -13.83 28.74
CA ASP B 444 0.04 -12.56 28.28
C ASP B 444 -1.37 -12.86 27.78
N ASP B 445 -2.17 -11.81 27.57
CA ASP B 445 -3.47 -12.05 26.95
C ASP B 445 -3.26 -12.50 25.52
N GLU B 446 -4.06 -13.47 25.08
CA GLU B 446 -3.85 -14.07 23.76
C GLU B 446 -4.86 -13.66 22.67
N PHE B 447 -6.12 -13.52 23.06
CA PHE B 447 -7.19 -13.15 22.14
C PHE B 447 -7.87 -11.94 22.78
N PHE B 448 -7.87 -10.81 22.08
CA PHE B 448 -8.40 -9.58 22.66
C PHE B 448 -8.61 -8.56 21.56
N VAL B 449 -9.48 -7.58 21.83
CA VAL B 449 -9.64 -6.45 20.93
C VAL B 449 -8.77 -5.28 21.40
N GLU B 450 -8.12 -4.66 20.43
CA GLU B 450 -7.56 -3.33 20.54
C GLU B 450 -8.49 -2.38 19.79
N ALA B 451 -8.90 -1.30 20.48
CA ALA B 451 -9.81 -0.32 19.91
C ALA B 451 -9.39 1.13 20.14
N ALA B 452 -9.95 2.01 19.31
CA ALA B 452 -9.71 3.44 19.35
C ALA B 452 -10.96 4.13 18.83
N ILE B 453 -11.22 5.34 19.34
CA ILE B 453 -12.22 6.21 18.75
C ILE B 453 -11.61 6.71 17.45
N ASN B 454 -12.13 6.21 16.33
CA ASN B 454 -11.62 6.58 15.02
C ASN B 454 -12.09 8.00 14.66
N GLN B 455 -13.40 8.20 14.68
CA GLN B 455 -14.02 9.51 14.54
C GLN B 455 -15.20 9.58 15.51
N ALA B 456 -15.43 10.78 16.06
CA ALA B 456 -16.57 11.00 16.95
C ALA B 456 -17.22 12.34 16.62
N SER B 457 -18.53 12.38 16.64
CA SER B 457 -19.30 13.62 16.49
C SER B 457 -20.53 13.56 17.40
N ASP B 458 -21.26 14.66 17.50
CA ASP B 458 -22.43 14.69 18.39
C ASP B 458 -23.61 13.86 17.92
N HIS B 459 -23.46 13.16 16.80
CA HIS B 459 -24.46 12.17 16.41
C HIS B 459 -23.91 10.77 16.12
N PHE B 460 -22.58 10.59 16.16
CA PHE B 460 -22.05 9.22 16.00
C PHE B 460 -20.79 8.86 16.81
N THR B 461 -20.62 7.54 16.97
CA THR B 461 -19.37 6.96 17.44
C THR B 461 -18.78 6.07 16.34
N GLU B 462 -17.54 6.33 15.93
CA GLU B 462 -16.85 5.40 15.05
C GLU B 462 -15.64 4.77 15.73
N ILE B 463 -15.62 3.44 15.71
CA ILE B 463 -14.63 2.64 16.43
C ILE B 463 -13.72 1.93 15.44
N LYS B 464 -12.42 2.00 15.68
CA LYS B 464 -11.46 1.19 14.96
C LYS B 464 -11.16 0.03 15.90
N ALA B 465 -11.48 -1.18 15.45
CA ALA B 465 -11.32 -2.41 16.23
C ALA B 465 -10.42 -3.42 15.53
N LEU B 466 -9.41 -3.89 16.26
CA LEU B 466 -8.53 -4.94 15.75
C LEU B 466 -8.66 -6.13 16.69
N LEU B 467 -9.21 -7.22 16.15
CA LEU B 467 -9.37 -8.43 16.93
C LEU B 467 -8.08 -9.23 16.76
N ASN B 468 -7.34 -9.37 17.86
CA ASN B 468 -6.01 -10.01 17.91
C ASN B 468 -6.05 -11.51 18.19
N ASN B 469 -5.18 -12.24 17.49
CA ASN B 469 -4.72 -13.56 17.93
C ASN B 469 -3.21 -13.52 18.10
N ARG B 470 -2.76 -13.34 19.34
CA ARG B 470 -1.34 -13.42 19.66
C ARG B 470 -1.08 -14.61 20.59
N SER B 471 -1.79 -15.72 20.36
CA SER B 471 -1.72 -16.91 21.20
C SER B 471 -0.31 -17.48 21.19
N SER B 472 0.05 -18.15 22.29
CA SER B 472 1.42 -18.64 22.44
C SER B 472 1.51 -19.77 23.46
N TRP B 473 0.41 -20.04 24.15
CA TRP B 473 0.37 -21.06 25.20
C TRP B 473 -0.69 -22.16 25.03
N PRO B 474 -0.69 -22.91 23.92
CA PRO B 474 0.18 -22.85 22.74
C PRO B 474 -0.44 -21.86 21.76
N ALA B 475 0.36 -21.38 20.81
CA ALA B 475 -0.19 -20.75 19.62
C ALA B 475 -1.25 -21.69 19.07
N ARG B 476 -2.38 -21.13 18.66
CA ARG B 476 -3.54 -21.89 18.20
C ARG B 476 -4.49 -21.05 17.34
N LEU B 477 -5.45 -21.73 16.71
CA LEU B 477 -6.44 -21.12 15.82
C LEU B 477 -7.82 -21.29 16.44
N ILE B 478 -8.66 -20.26 16.31
CA ILE B 478 -10.05 -20.34 16.75
C ILE B 478 -10.92 -19.87 15.58
N LYS B 479 -11.79 -20.73 15.06
CA LYS B 479 -12.62 -20.33 13.93
C LYS B 479 -13.76 -19.38 14.30
N ASP B 480 -14.55 -19.74 15.31
CA ASP B 480 -15.76 -19.00 15.66
C ASP B 480 -15.50 -17.86 16.63
N LEU B 481 -14.75 -16.86 16.14
CA LEU B 481 -14.44 -15.65 16.89
C LEU B 481 -15.46 -14.53 16.70
N SER B 482 -15.81 -13.89 17.82
CA SER B 482 -16.65 -12.70 17.80
C SER B 482 -16.25 -11.84 18.99
N TYR B 483 -16.70 -10.59 18.92
CA TYR B 483 -16.61 -9.66 20.02
C TYR B 483 -17.84 -8.78 20.00
N ASN B 484 -18.11 -8.15 21.14
CA ASN B 484 -19.28 -7.29 21.33
C ASN B 484 -18.95 -5.85 21.70
N TYR B 485 -19.74 -4.93 21.15
CA TYR B 485 -19.64 -3.53 21.55
C TYR B 485 -20.94 -3.18 22.27
N TYR B 486 -20.83 -2.85 23.55
CA TYR B 486 -21.98 -2.54 24.40
C TYR B 486 -22.19 -1.04 24.54
N MET B 487 -23.45 -0.64 24.42
CA MET B 487 -23.84 0.77 24.54
C MET B 487 -25.02 0.98 25.48
N ASP B 488 -25.10 2.21 25.96
CA ASP B 488 -26.24 2.67 26.75
C ASP B 488 -27.02 3.69 25.90
N LEU B 489 -28.30 3.40 25.69
CA LEU B 489 -29.17 4.27 24.90
C LEU B 489 -30.13 5.17 25.70
N THR B 490 -29.87 5.32 27.00
CA THR B 490 -30.69 6.16 27.88
C THR B 490 -30.95 7.56 27.30
N GLU B 491 -29.89 8.24 26.87
CA GLU B 491 -29.99 9.60 26.33
C GLU B 491 -30.81 9.68 25.04
N VAL B 492 -30.85 8.60 24.26
CA VAL B 492 -31.60 8.64 23.00
C VAL B 492 -33.09 8.57 23.29
N PHE B 493 -33.46 7.74 24.27
CA PHE B 493 -34.86 7.62 24.66
C PHE B 493 -35.34 8.88 25.38
N GLU B 494 -34.50 9.41 26.27
CA GLU B 494 -34.78 10.63 27.03
C GLU B 494 -34.92 11.90 26.16
N ALA B 495 -34.34 11.87 24.96
CA ALA B 495 -34.44 12.98 24.02
C ALA B 495 -35.62 12.79 23.07
N GLY B 496 -36.28 11.63 23.20
CA GLY B 496 -37.44 11.31 22.38
C GLY B 496 -37.08 10.64 21.07
N TYR B 497 -36.15 9.70 21.10
CA TYR B 497 -35.79 8.90 19.92
C TYR B 497 -35.81 7.42 20.30
N SER B 498 -35.65 6.52 19.33
CA SER B 498 -35.64 5.09 19.64
C SER B 498 -34.40 4.34 19.14
N VAL B 499 -34.54 3.02 18.98
CA VAL B 499 -33.47 2.16 18.51
C VAL B 499 -33.29 2.30 17.00
N ASP B 500 -34.40 2.49 16.29
CA ASP B 500 -34.32 2.57 14.83
C ASP B 500 -33.86 3.93 14.33
N ASP B 501 -33.73 4.87 15.27
CA ASP B 501 -33.03 6.13 15.06
C ASP B 501 -31.50 5.95 15.04
N ILE B 502 -31.03 4.77 15.43
CA ILE B 502 -29.61 4.42 15.47
C ILE B 502 -29.27 3.37 14.40
N LYS B 503 -28.30 3.71 13.55
CA LYS B 503 -27.95 2.90 12.38
C LYS B 503 -26.50 2.38 12.45
N VAL B 504 -26.29 1.13 12.02
CA VAL B 504 -24.94 0.53 12.04
C VAL B 504 -24.32 0.50 10.64
N THR B 505 -23.15 1.10 10.49
CA THR B 505 -22.41 1.10 9.23
C THR B 505 -20.94 0.67 9.40
N ILE B 506 -20.31 0.34 8.28
CA ILE B 506 -18.90 -0.06 8.19
C ILE B 506 -18.10 0.99 7.42
N GLY B 507 -16.96 1.39 7.96
CA GLY B 507 -16.09 2.40 7.32
C GLY B 507 -14.83 1.83 6.70
N TYR B 508 -14.51 0.58 7.04
CA TYR B 508 -13.37 -0.18 6.51
C TYR B 508 -13.46 -1.61 7.05
N CYS B 509 -13.32 -2.59 6.15
CA CYS B 509 -13.30 -4.02 6.47
C CYS B 509 -12.09 -4.62 5.78
N GLU B 510 -11.15 -5.13 6.56
CA GLU B 510 -9.93 -5.71 6.02
C GLU B 510 -10.19 -6.79 4.98
N SER B 511 -9.51 -6.68 3.84
CA SER B 511 -9.65 -7.65 2.76
C SER B 511 -9.38 -9.09 3.20
N GLY B 512 -10.29 -9.99 2.84
CA GLY B 512 -10.09 -11.42 3.10
C GLY B 512 -10.54 -11.87 4.48
N MET B 513 -11.12 -10.98 5.28
CA MET B 513 -11.67 -11.31 6.59
C MET B 513 -13.20 -11.27 6.54
N ASP B 514 -13.79 -12.34 6.01
CA ASP B 514 -15.23 -12.49 5.85
C ASP B 514 -15.92 -12.24 7.21
N VAL B 515 -16.75 -11.20 7.27
CA VAL B 515 -17.22 -10.63 8.54
C VAL B 515 -18.73 -10.33 8.51
N GLU B 516 -19.38 -10.49 9.65
CA GLU B 516 -20.76 -10.04 9.81
C GLU B 516 -20.91 -9.22 11.09
N ILE B 517 -21.86 -8.28 11.04
CA ILE B 517 -22.26 -7.55 12.22
C ILE B 517 -23.75 -7.74 12.47
N SER B 518 -24.09 -8.06 13.72
CA SER B 518 -25.49 -8.26 14.11
C SER B 518 -26.28 -6.94 14.11
N PRO B 519 -27.62 -7.03 14.10
CA PRO B 519 -28.44 -5.87 14.46
C PRO B 519 -28.15 -5.45 15.89
N ILE B 520 -28.48 -4.20 16.24
CA ILE B 520 -28.37 -3.75 17.63
C ILE B 520 -29.34 -4.58 18.45
N THR B 521 -28.87 -5.09 19.58
CA THR B 521 -29.62 -6.10 20.32
C THR B 521 -29.68 -5.71 21.79
N HIS B 522 -30.88 -5.84 22.34
CA HIS B 522 -31.15 -5.57 23.75
C HIS B 522 -30.42 -6.58 24.61
N LEU B 523 -29.78 -6.08 25.66
CA LEU B 523 -29.27 -6.97 26.69
C LEU B 523 -30.19 -6.94 27.91
N TYR B 524 -30.28 -5.78 28.57
CA TYR B 524 -31.19 -5.54 29.69
C TYR B 524 -31.29 -4.02 29.91
N ASP B 525 -32.32 -3.56 30.61
CA ASP B 525 -32.56 -2.12 30.76
C ASP B 525 -32.32 -1.37 29.45
N ASN B 526 -31.58 -0.28 29.46
CA ASN B 526 -31.25 0.45 28.23
C ASN B 526 -29.94 0.03 27.56
N ILE B 527 -29.42 -1.13 27.96
CA ILE B 527 -28.14 -1.61 27.47
C ILE B 527 -28.33 -2.51 26.25
N TYR B 528 -27.66 -2.12 25.16
CA TYR B 528 -27.72 -2.84 23.90
C TYR B 528 -26.31 -3.14 23.40
N TYR B 529 -26.20 -4.05 22.43
CA TYR B 529 -24.91 -4.38 21.81
C TYR B 529 -25.03 -4.86 20.37
N ILE B 530 -23.91 -4.79 19.66
CA ILE B 530 -23.72 -5.49 18.39
C ILE B 530 -22.61 -6.51 18.54
N LYS B 531 -22.74 -7.61 17.81
CA LYS B 531 -21.69 -8.61 17.73
C LYS B 531 -21.03 -8.55 16.36
N ILE B 532 -19.70 -8.54 16.38
CA ILE B 532 -18.90 -8.63 15.17
C ILE B 532 -18.37 -10.06 15.13
N SER B 533 -18.70 -10.79 14.07
CA SER B 533 -18.34 -12.21 13.95
C SER B 533 -17.50 -12.45 12.70
N TYR B 534 -16.40 -13.16 12.87
CA TYR B 534 -15.59 -13.60 11.74
C TYR B 534 -15.95 -15.05 11.40
N ILE B 535 -16.29 -15.24 10.12
CA ILE B 535 -16.81 -16.51 9.67
C ILE B 535 -15.72 -17.56 9.73
N ASP B 536 -14.53 -17.24 9.22
CA ASP B 536 -13.35 -18.10 9.40
C ASP B 536 -12.28 -17.38 10.22
N GLY B 537 -12.43 -17.46 11.54
CA GLY B 537 -11.54 -16.81 12.50
C GLY B 537 -10.11 -17.33 12.44
N THR B 538 -9.90 -18.48 11.79
CA THR B 538 -8.56 -19.08 11.69
C THR B 538 -7.61 -18.20 10.89
N ASN B 539 -8.19 -17.32 10.06
CA ASN B 539 -7.42 -16.33 9.32
C ASN B 539 -6.93 -15.20 10.21
N ILE B 540 -7.36 -15.18 11.47
CA ILE B 540 -6.74 -14.28 12.43
C ILE B 540 -5.72 -15.13 13.15
N CYS B 541 -4.43 -14.94 12.88
CA CYS B 541 -3.43 -15.85 13.42
C CYS B 541 -2.08 -15.18 13.47
N PRO B 542 -1.22 -15.62 14.40
CA PRO B 542 0.04 -14.94 14.65
C PRO B 542 1.14 -15.37 13.69
N ILE B 543 0.96 -15.06 12.41
CA ILE B 543 1.89 -15.50 11.37
C ILE B 543 2.46 -14.33 10.59
N GLY B 544 2.09 -13.11 10.95
CA GLY B 544 2.52 -11.95 10.20
C GLY B 544 1.88 -10.64 10.60
N GLN B 545 2.47 -9.56 10.09
CA GLN B 545 2.09 -8.19 10.39
C GLN B 545 0.62 -7.94 10.01
N GLU B 546 0.18 -8.51 8.90
CA GLU B 546 -1.20 -8.30 8.55
C GLU B 546 -2.17 -9.30 9.18
N GLN B 547 -1.72 -10.52 9.50
CA GLN B 547 -2.67 -11.56 9.88
C GLN B 547 -3.02 -11.64 11.36
N TYR B 548 -2.19 -11.08 12.24
CA TYR B 548 -2.37 -11.34 13.68
C TYR B 548 -3.60 -10.65 14.25
N ALA B 549 -4.10 -9.66 13.52
CA ALA B 549 -5.29 -8.95 13.97
C ALA B 549 -6.17 -8.67 12.75
N ALA B 550 -7.49 -8.77 12.90
CA ALA B 550 -8.42 -8.33 11.85
C ALA B 550 -8.94 -6.93 12.15
N GLU B 551 -8.92 -6.03 11.18
CA GLU B 551 -9.33 -4.67 11.41
C GLU B 551 -10.72 -4.39 10.86
N LEU B 552 -11.58 -3.88 11.72
CA LEU B 552 -12.86 -3.36 11.27
C LEU B 552 -12.99 -1.92 11.78
N GLN B 553 -13.52 -1.04 10.94
CA GLN B 553 -13.99 0.27 11.38
C GLN B 553 -15.51 0.26 11.26
N PHE B 554 -16.21 0.32 12.39
CA PHE B 554 -17.67 0.40 12.40
C PHE B 554 -18.15 1.69 13.05
N ARG B 555 -19.32 2.16 12.59
CA ARG B 555 -19.96 3.39 13.08
C ARG B 555 -21.36 3.06 13.57
N ILE B 556 -21.72 3.64 14.71
CA ILE B 556 -23.06 3.56 15.26
C ILE B 556 -23.49 5.01 15.39
N ALA B 557 -24.54 5.38 14.66
CA ALA B 557 -24.91 6.78 14.49
C ALA B 557 -26.37 7.08 14.74
N ALA B 558 -26.57 8.20 15.44
CA ALA B 558 -27.89 8.84 15.56
C ALA B 558 -28.11 9.69 14.29
N PRO B 559 -29.35 10.15 14.03
CA PRO B 559 -29.67 10.84 12.77
C PRO B 559 -28.84 12.11 12.60
N GLN B 560 -28.47 12.42 11.36
CA GLN B 560 -27.49 13.49 11.15
C GLN B 560 -27.99 14.83 11.68
N GLY B 561 -27.04 15.67 12.12
CA GLY B 561 -27.36 16.98 12.67
C GLY B 561 -27.78 17.02 14.14
N THR B 562 -28.25 15.90 14.67
CA THR B 562 -28.79 15.84 16.04
C THR B 562 -27.69 15.91 17.09
N LYS B 563 -28.07 16.18 18.35
CA LYS B 563 -27.06 16.52 19.35
C LYS B 563 -27.04 15.68 20.62
N PHE B 564 -27.96 14.73 20.74
CA PHE B 564 -28.14 13.95 21.97
C PHE B 564 -27.13 12.82 22.23
N TRP B 565 -26.61 12.17 21.18
CA TRP B 565 -25.69 11.03 21.33
C TRP B 565 -24.67 11.25 22.45
N ASP B 566 -24.66 10.35 23.42
CA ASP B 566 -23.71 10.46 24.53
C ASP B 566 -22.97 9.13 24.70
N PRO B 567 -21.75 9.03 24.14
CA PRO B 567 -21.03 7.77 24.23
C PRO B 567 -20.37 7.55 25.59
N THR B 568 -20.36 8.57 26.44
CA THR B 568 -19.68 8.53 27.73
C THR B 568 -20.31 7.55 28.73
N ASN B 569 -21.54 7.13 28.46
CA ASN B 569 -22.19 6.14 29.34
C ASN B 569 -22.25 4.75 28.73
N ASP B 570 -21.56 4.55 27.60
CA ASP B 570 -21.52 3.24 26.95
C ASP B 570 -20.42 2.37 27.55
N PHE B 571 -20.80 1.15 27.92
CA PHE B 571 -19.91 0.18 28.56
C PHE B 571 -18.60 -0.07 27.78
N SER B 572 -18.72 -0.33 26.48
CA SER B 572 -17.58 -0.60 25.62
C SER B 572 -16.80 0.62 25.16
N TYR B 573 -17.25 1.81 25.55
CA TYR B 573 -16.56 3.06 25.22
C TYR B 573 -15.56 3.40 26.31
N GLN B 574 -15.82 2.87 27.51
CA GLN B 574 -14.99 3.11 28.68
C GLN B 574 -13.49 2.99 28.39
N GLY B 575 -12.75 4.05 28.71
CA GLY B 575 -11.29 4.10 28.56
C GLY B 575 -10.73 4.28 27.16
N LEU B 576 -11.58 4.33 26.14
CA LEU B 576 -11.05 4.44 24.78
C LEU B 576 -10.52 5.84 24.53
N THR B 577 -9.45 5.92 23.74
CA THR B 577 -8.89 7.20 23.31
C THR B 577 -8.80 7.22 21.78
N ARG B 578 -8.13 8.24 21.27
CA ARG B 578 -7.83 8.34 19.84
C ARG B 578 -6.74 7.34 19.44
N GLU B 579 -6.10 6.72 20.42
CA GLU B 579 -5.00 5.77 20.19
C GLU B 579 -5.45 4.32 20.41
N LEU B 580 -5.00 3.44 19.54
CA LEU B 580 -5.32 2.01 19.63
C LEU B 580 -4.76 1.40 20.92
N ALA B 581 -5.65 0.79 21.70
CA ALA B 581 -5.27 0.13 22.95
C ALA B 581 -6.11 -1.10 23.18
N LYS B 582 -5.54 -2.08 23.87
CA LYS B 582 -6.31 -3.21 24.39
C LYS B 582 -7.43 -2.70 25.29
N THR B 583 -8.60 -3.31 25.15
CA THR B 583 -9.71 -3.04 26.06
C THR B 583 -10.41 -4.32 26.51
N LYS B 584 -10.78 -4.35 27.79
CA LYS B 584 -11.52 -5.47 28.37
C LYS B 584 -13.01 -5.35 28.13
N TYR B 585 -13.45 -4.18 27.70
CA TYR B 585 -14.89 -3.91 27.65
C TYR B 585 -15.49 -4.21 26.27
N MET B 586 -14.69 -4.82 25.41
CA MET B 586 -15.16 -5.41 24.16
C MET B 586 -14.79 -6.90 24.18
N PRO B 587 -15.56 -7.71 24.92
CA PRO B 587 -15.17 -9.09 25.22
C PRO B 587 -15.15 -9.97 23.98
N VAL B 588 -14.24 -10.95 23.98
CA VAL B 588 -14.07 -11.86 22.85
C VAL B 588 -14.69 -13.22 23.18
N PHE B 589 -15.31 -13.86 22.18
CA PHE B 589 -15.96 -15.15 22.40
C PHE B 589 -15.43 -16.17 21.40
N ASP B 590 -15.39 -17.42 21.85
CA ASP B 590 -15.14 -18.58 21.01
C ASP B 590 -16.46 -19.35 21.05
N GLY B 591 -17.21 -19.35 19.95
CA GLY B 591 -18.60 -19.79 19.98
C GLY B 591 -19.32 -18.92 20.99
N ALA B 592 -20.08 -19.55 21.90
CA ALA B 592 -20.80 -18.85 22.97
C ALA B 592 -19.98 -18.61 24.25
N THR B 593 -18.73 -19.07 24.28
CA THR B 593 -17.91 -18.92 25.47
C THR B 593 -17.04 -17.67 25.40
N LYS B 594 -17.18 -16.80 26.41
CA LYS B 594 -16.29 -15.65 26.59
C LYS B 594 -14.89 -16.12 26.98
N ILE B 595 -13.90 -15.66 26.20
CA ILE B 595 -12.51 -16.02 26.44
C ILE B 595 -11.68 -14.82 26.88
N PHE B 596 -12.20 -13.61 26.73
CA PHE B 596 -11.50 -12.43 27.26
C PHE B 596 -12.47 -11.29 27.53
N GLY B 597 -12.21 -10.56 28.61
CA GLY B 597 -12.90 -9.30 28.87
C GLY B 597 -14.07 -9.43 29.83
N GLU B 598 -14.86 -8.36 29.90
CA GLU B 598 -15.96 -8.23 30.85
C GLU B 598 -17.25 -7.85 30.11
N VAL B 599 -18.38 -8.14 30.75
CA VAL B 599 -19.72 -7.92 30.20
C VAL B 599 -20.52 -7.04 31.17
N PRO B 600 -21.43 -6.20 30.65
CA PRO B 600 -22.32 -5.44 31.54
C PRO B 600 -23.06 -6.37 32.51
N GLY B 601 -22.99 -6.05 33.81
CA GLY B 601 -23.45 -6.96 34.84
C GLY B 601 -22.61 -8.23 34.79
N GLY B 602 -23.20 -9.31 34.27
CA GLY B 602 -22.50 -10.58 34.11
C GLY B 602 -23.05 -11.34 32.91
#